data_6JZ2
#
_entry.id   6JZ2
#
_cell.length_a   163.236
_cell.length_b   102.734
_cell.length_c   112.714
_cell.angle_alpha   90.000
_cell.angle_beta   130.940
_cell.angle_gamma   90.000
#
_symmetry.space_group_name_H-M   'C 1 2 1'
#
loop_
_entity.id
_entity.type
_entity.pdbx_description
1 polymer Beta-glucuronidase
2 non-polymer '(3S,4R,5R)-4,5-dihydroxypiperidine-3-carboxylic acid'
3 non-polymer (4R)-2-METHYLPENTANE-2,4-DIOL
4 non-polymer (4S)-2-METHYL-2,4-PENTANEDIOL
5 water water
#
_entity_poly.entity_id   1
_entity_poly.type   'polypeptide(L)'
_entity_poly.pdbx_seq_one_letter_code
;MHHHHHHSSGVDLGTENLYFQSNGMLEYSELYPIQNEYRMMQSLDGMWKFQFDPEEIGKKSGWENGLPAPVSMPVPSSFA
DFFTDHKERDYCGDFWYETEFYLPAEWRNKKIWLRFGSITHRGTVYCNGMEITSHEGGFLPVLADISTVAKPGQVNQVVV
KINNELNETSLPCGATKILNNGRKLAKPYFDFFNYSGLQRSVWVIALPEESVKDYSVDYELCGTDALVKYEVVTTGEHPV
IVRLLDAEGELVAETEGKEGILQVANARLWEVRNAYLYQIVILITDGNGVLDEYREKIGIRTVRIEGTKILLNDRPVYLK
GFGKHEDFPILGRGFHWGIVKRDFECLKWTNANCFRTSHYPYAEEWYQFADEEGFLIIDEVPAVGMMRSTRNFVAAGSGN
YTYFFEALTVPELLKSHIADTEEMITRDKNHPSVIAWSLFNEPETITDYAYEYFKEVFAAAETYDFQSRPMTGAFEKNSK
PELCKCYPLCDFICLNRYYGWYISGGPEIEEAEELFRDEMDRWKAKELNVPFVFTEFGTDTMAGLHKLPSIMWSEEYQKE
YLEMNFRVFDSYEFVQGELAWNFADFQTTEGIMRVDGNHKGVFTRDRQPKAAAVVFKDRWEKKNELF
;
_entity_poly.pdbx_strand_id   A,B
#
loop_
_chem_comp.id
_chem_comp.type
_chem_comp.name
_chem_comp.formula
MPD non-polymer (4S)-2-METHYL-2,4-PENTANEDIOL 'C6 H14 O2'
MRD non-polymer (4R)-2-METHYLPENTANE-2,4-DIOL 'C6 H14 O2'
SJ5 non-polymer '(3S,4R,5R)-4,5-dihydroxypiperidine-3-carboxylic acid' 'C6 H11 N O4'
#
# COMPACT_ATOMS: atom_id res chain seq x y z
N LEU A 26 -26.91 -17.06 5.64
CA LEU A 26 -26.59 -15.94 4.76
C LEU A 26 -27.04 -16.24 3.34
N GLU A 27 -27.55 -15.22 2.64
CA GLU A 27 -27.96 -15.42 1.24
C GLU A 27 -26.87 -14.99 0.27
N TYR A 28 -25.63 -15.27 0.65
CA TYR A 28 -24.48 -15.06 -0.19
C TYR A 28 -23.37 -15.89 0.42
N SER A 29 -22.28 -16.03 -0.32
CA SER A 29 -21.15 -16.79 0.16
C SER A 29 -20.09 -15.89 0.77
N GLU A 30 -19.48 -16.31 1.89
CA GLU A 30 -18.34 -15.61 2.47
C GLU A 30 -17.01 -16.11 1.90
N LEU A 31 -17.04 -17.14 1.06
CA LEU A 31 -15.79 -17.75 0.60
C LEU A 31 -14.89 -16.77 -0.13
N TYR A 32 -13.60 -16.80 0.19
CA TYR A 32 -12.64 -15.93 -0.45
C TYR A 32 -12.60 -16.22 -1.94
N PRO A 33 -12.55 -15.18 -2.79
CA PRO A 33 -12.64 -15.44 -4.23
C PRO A 33 -11.39 -16.09 -4.80
N ILE A 34 -11.60 -17.00 -5.74
CA ILE A 34 -10.48 -17.65 -6.41
C ILE A 34 -10.68 -17.62 -7.91
N GLN A 35 -9.60 -17.89 -8.64
CA GLN A 35 -9.65 -17.88 -10.09
C GLN A 35 -9.30 -19.27 -10.58
N ASN A 36 -10.24 -19.90 -11.28
CA ASN A 36 -9.99 -21.20 -11.89
C ASN A 36 -10.87 -21.41 -13.11
N GLU A 37 -11.03 -22.66 -13.54
CA GLU A 37 -11.82 -22.92 -14.73
C GLU A 37 -13.28 -22.51 -14.59
N TYR A 38 -13.75 -22.41 -13.35
CA TYR A 38 -15.18 -22.23 -13.08
C TYR A 38 -15.51 -20.88 -12.48
N ARG A 39 -14.51 -20.26 -11.86
CA ARG A 39 -14.68 -19.02 -11.11
C ARG A 39 -13.70 -17.97 -11.64
N MET A 40 -14.18 -16.75 -11.80
CA MET A 40 -13.33 -15.67 -12.27
C MET A 40 -13.36 -14.51 -11.29
N MET A 41 -12.32 -13.69 -11.30
CA MET A 41 -12.28 -12.51 -10.46
C MET A 41 -11.49 -11.42 -11.14
N GLN A 42 -11.88 -10.18 -10.89
CA GLN A 42 -11.22 -9.02 -11.46
C GLN A 42 -11.18 -7.95 -10.38
N SER A 43 -10.01 -7.40 -10.13
CA SER A 43 -9.87 -6.40 -9.10
C SER A 43 -10.42 -5.06 -9.54
N LEU A 44 -11.17 -4.41 -8.65
CA LEU A 44 -11.64 -3.04 -8.88
C LEU A 44 -10.83 -2.02 -8.08
N ASP A 45 -9.72 -2.45 -7.49
CA ASP A 45 -8.90 -1.52 -6.73
C ASP A 45 -8.32 -0.44 -7.63
N GLY A 46 -8.00 0.71 -7.05
CA GLY A 46 -7.40 1.79 -7.81
C GLY A 46 -7.94 3.11 -7.32
N MET A 47 -7.91 4.11 -8.16
CA MET A 47 -8.51 5.37 -7.86
C MET A 47 -9.99 5.37 -8.23
N TRP A 48 -10.84 5.51 -7.23
CA TRP A 48 -12.27 5.61 -7.46
C TRP A 48 -12.69 7.08 -7.45
N LYS A 49 -13.90 7.35 -7.91
CA LYS A 49 -14.51 8.66 -7.73
C LYS A 49 -15.16 8.68 -6.35
N PHE A 50 -15.19 9.85 -5.74
CA PHE A 50 -15.60 9.97 -4.33
C PHE A 50 -16.24 11.32 -4.13
N GLN A 51 -17.34 11.38 -3.38
CA GLN A 51 -17.92 12.67 -3.07
C GLN A 51 -18.62 12.64 -1.71
N PHE A 52 -18.35 13.66 -0.90
CA PHE A 52 -19.06 13.83 0.36
C PHE A 52 -20.47 14.32 0.08
N ASP A 53 -21.42 13.92 0.93
CA ASP A 53 -22.82 14.28 0.78
C ASP A 53 -23.37 14.87 2.08
N PRO A 54 -22.86 16.05 2.49
CA PRO A 54 -23.28 16.63 3.76
C PRO A 54 -24.76 16.95 3.85
N GLU A 55 -25.40 17.24 2.72
CA GLU A 55 -26.81 17.60 2.73
C GLU A 55 -27.73 16.39 2.57
N GLU A 56 -27.15 15.23 2.42
CA GLU A 56 -27.89 14.00 2.31
C GLU A 56 -28.87 14.04 1.15
N ILE A 57 -28.38 14.42 -0.01
CA ILE A 57 -29.24 14.55 -1.18
C ILE A 57 -28.86 13.62 -2.34
N GLY A 58 -27.83 12.80 -2.16
CA GLY A 58 -27.36 11.96 -3.26
C GLY A 58 -28.43 11.07 -3.85
N LYS A 59 -29.17 10.38 -2.99
CA LYS A 59 -30.17 9.46 -3.52
C LYS A 59 -31.40 10.20 -4.05
N LYS A 60 -31.58 11.45 -3.65
CA LYS A 60 -32.62 12.30 -4.19
C LYS A 60 -32.25 12.94 -5.53
N SER A 61 -30.98 12.81 -5.90
CA SER A 61 -30.42 13.63 -6.97
C SER A 61 -29.72 12.80 -8.03
N GLY A 62 -29.97 11.50 -8.02
CA GLY A 62 -29.45 10.63 -9.07
C GLY A 62 -28.00 10.22 -8.94
N TRP A 63 -27.42 10.38 -7.76
CA TRP A 63 -26.01 10.05 -7.57
C TRP A 63 -25.74 8.57 -7.81
N GLU A 64 -26.75 7.73 -7.66
CA GLU A 64 -26.58 6.31 -7.92
C GLU A 64 -26.27 6.04 -9.39
N ASN A 65 -26.50 7.04 -10.25
CA ASN A 65 -26.14 6.94 -11.65
C ASN A 65 -24.80 7.62 -11.98
N GLY A 66 -24.13 8.14 -10.95
CA GLY A 66 -22.85 8.79 -11.12
C GLY A 66 -22.76 10.02 -10.24
N LEU A 67 -21.61 10.25 -9.65
CA LEU A 67 -21.39 11.39 -8.76
C LEU A 67 -21.19 12.66 -9.58
N PRO A 68 -21.81 13.77 -9.15
CA PRO A 68 -21.79 14.96 -9.99
C PRO A 68 -20.49 15.77 -9.92
N ALA A 69 -19.78 15.74 -8.80
CA ALA A 69 -18.57 16.54 -8.64
C ALA A 69 -17.55 15.82 -7.76
N PRO A 70 -17.07 14.66 -8.24
CA PRO A 70 -16.23 13.81 -7.41
C PRO A 70 -14.79 14.25 -7.36
N VAL A 71 -14.07 13.75 -6.36
CA VAL A 71 -12.62 13.78 -6.35
C VAL A 71 -12.15 12.34 -6.45
N SER A 72 -10.85 12.14 -6.60
CA SER A 72 -10.31 10.79 -6.67
C SER A 72 -10.00 10.28 -5.27
N MET A 73 -10.24 8.98 -5.05
CA MET A 73 -10.01 8.37 -3.75
C MET A 73 -9.43 6.98 -3.94
N PRO A 74 -8.26 6.72 -3.36
CA PRO A 74 -7.69 5.36 -3.41
C PRO A 74 -8.55 4.32 -2.74
N VAL A 75 -8.62 3.16 -3.37
CA VAL A 75 -9.26 1.98 -2.78
C VAL A 75 -8.29 0.83 -3.00
N PRO A 76 -7.93 0.11 -1.93
CA PRO A 76 -8.40 0.25 -0.54
C PRO A 76 -7.68 1.33 0.25
N SER A 77 -8.40 2.02 1.11
CA SER A 77 -7.82 2.99 2.05
C SER A 77 -8.96 3.53 2.92
N SER A 78 -8.62 4.05 4.09
CA SER A 78 -9.53 4.94 4.79
C SER A 78 -9.40 6.31 4.14
N PHE A 79 -10.49 7.06 4.00
CA PHE A 79 -10.36 8.36 3.33
C PHE A 79 -9.71 9.46 4.17
N ALA A 80 -9.73 9.34 5.50
CA ALA A 80 -9.57 10.51 6.36
C ALA A 80 -8.25 11.23 6.21
N ASP A 81 -7.15 10.48 6.19
CA ASP A 81 -5.84 11.11 6.37
C ASP A 81 -5.20 11.64 5.09
N PHE A 82 -5.91 11.53 3.97
CA PHE A 82 -5.41 12.13 2.74
C PHE A 82 -5.53 13.63 2.74
N PHE A 83 -6.62 14.14 3.30
CA PHE A 83 -6.97 15.54 3.17
C PHE A 83 -6.11 16.45 4.05
N THR A 84 -6.08 17.73 3.69
CA THR A 84 -5.31 18.69 4.46
C THR A 84 -6.18 19.60 5.33
N ASP A 85 -7.50 19.43 5.23
CA ASP A 85 -8.42 20.26 6.02
C ASP A 85 -9.19 19.41 7.04
N HIS A 86 -9.51 20.00 8.18
CA HIS A 86 -10.19 19.28 9.25
C HIS A 86 -11.54 18.70 8.85
N LYS A 87 -12.33 19.48 8.13
CA LYS A 87 -13.70 19.07 7.88
C LYS A 87 -13.77 17.84 7.00
N GLU A 88 -12.82 17.67 6.10
CA GLU A 88 -12.78 16.47 5.28
C GLU A 88 -12.27 15.28 6.10
N ARG A 89 -11.19 15.47 6.85
CA ARG A 89 -10.67 14.41 7.71
C ARG A 89 -11.76 13.89 8.65
N ASP A 90 -12.48 14.82 9.27
CA ASP A 90 -13.43 14.49 10.33
C ASP A 90 -14.84 14.27 9.82
N TYR A 91 -14.99 14.17 8.51
CA TYR A 91 -16.31 14.04 7.93
C TYR A 91 -17.09 12.89 8.52
N CYS A 92 -18.33 13.18 8.90
CA CYS A 92 -19.22 12.16 9.42
C CYS A 92 -20.58 12.33 8.76
N GLY A 93 -21.12 11.23 8.22
CA GLY A 93 -22.39 11.26 7.52
C GLY A 93 -22.32 10.38 6.29
N ASP A 94 -23.06 10.77 5.25
CA ASP A 94 -23.13 10.03 4.00
C ASP A 94 -22.04 10.49 3.04
N PHE A 95 -21.42 9.53 2.37
CA PHE A 95 -20.42 9.85 1.36
C PHE A 95 -20.41 8.71 0.35
N TRP A 96 -19.93 8.99 -0.86
CA TRP A 96 -20.20 8.11 -1.99
C TRP A 96 -18.93 7.77 -2.73
N TYR A 97 -18.89 6.54 -3.26
CA TYR A 97 -17.81 6.07 -4.10
C TYR A 97 -18.39 5.61 -5.43
N GLU A 98 -17.60 5.73 -6.49
CA GLU A 98 -18.01 5.26 -7.80
C GLU A 98 -16.81 4.76 -8.58
N THR A 99 -16.99 3.69 -9.34
CA THR A 99 -16.00 3.35 -10.34
C THR A 99 -16.67 2.67 -11.52
N GLU A 100 -15.90 2.47 -12.56
CA GLU A 100 -16.37 1.76 -13.75
C GLU A 100 -15.41 0.61 -14.05
N PHE A 101 -15.94 -0.46 -14.62
CA PHE A 101 -15.13 -1.62 -14.94
C PHE A 101 -15.68 -2.29 -16.17
N TYR A 102 -14.78 -2.82 -16.99
CA TYR A 102 -15.20 -3.59 -18.15
C TYR A 102 -15.39 -5.03 -17.72
N LEU A 103 -16.55 -5.59 -18.04
CA LEU A 103 -16.87 -6.97 -17.70
C LEU A 103 -16.61 -7.83 -18.92
N PRO A 104 -15.74 -8.85 -18.80
CA PRO A 104 -15.45 -9.69 -19.95
C PRO A 104 -16.71 -10.37 -20.48
N ALA A 105 -16.86 -10.45 -21.80
CA ALA A 105 -18.04 -11.05 -22.41
C ALA A 105 -18.26 -12.50 -21.96
N GLU A 106 -17.17 -13.20 -21.67
CA GLU A 106 -17.25 -14.61 -21.31
C GLU A 106 -17.92 -14.86 -19.95
N TRP A 107 -18.12 -13.80 -19.18
CA TRP A 107 -18.78 -13.92 -17.88
C TRP A 107 -20.29 -14.02 -18.00
N ARG A 108 -20.80 -13.94 -19.22
CA ARG A 108 -22.22 -14.06 -19.47
C ARG A 108 -22.76 -15.36 -18.90
N ASN A 109 -23.92 -15.30 -18.30
CA ASN A 109 -24.51 -16.50 -17.69
C ASN A 109 -23.71 -17.17 -16.54
N LYS A 110 -22.83 -16.42 -15.92
CA LYS A 110 -22.27 -16.79 -14.65
C LYS A 110 -23.07 -15.97 -13.66
N LYS A 111 -23.04 -16.34 -12.41
CA LYS A 111 -23.56 -15.50 -11.37
C LYS A 111 -22.47 -14.46 -11.06
N ILE A 112 -22.79 -13.21 -11.28
CA ILE A 112 -21.80 -12.15 -11.15
C ILE A 112 -22.05 -11.34 -9.89
N TRP A 113 -21.01 -11.19 -9.09
CA TRP A 113 -21.11 -10.52 -7.80
C TRP A 113 -20.05 -9.46 -7.67
N LEU A 114 -20.41 -8.34 -7.05
CA LEU A 114 -19.43 -7.43 -6.47
C LEU A 114 -19.11 -7.93 -5.07
N ARG A 115 -17.82 -8.03 -4.75
CA ARG A 115 -17.40 -8.44 -3.43
C ARG A 115 -16.51 -7.38 -2.81
N PHE A 116 -17.06 -6.68 -1.83
CA PHE A 116 -16.28 -5.69 -1.09
C PHE A 116 -15.69 -6.37 0.13
N GLY A 117 -14.38 -6.24 0.33
CA GLY A 117 -13.80 -6.78 1.55
C GLY A 117 -14.53 -6.19 2.76
N SER A 118 -14.90 -4.92 2.66
CA SER A 118 -15.74 -4.28 3.65
C SER A 118 -16.23 -2.95 3.13
N ILE A 119 -17.26 -2.42 3.79
CA ILE A 119 -17.80 -1.11 3.50
C ILE A 119 -18.05 -0.50 4.86
N THR A 120 -17.30 0.53 5.23
CA THR A 120 -17.28 0.99 6.61
C THR A 120 -18.02 2.31 6.78
N HIS A 121 -19.10 2.38 7.58
CA HIS A 121 -19.64 1.31 8.42
C HIS A 121 -20.83 0.58 7.83
N ARG A 122 -21.56 1.26 6.96
CA ARG A 122 -22.78 0.71 6.42
C ARG A 122 -22.98 1.35 5.08
N GLY A 123 -23.68 0.68 4.18
CA GLY A 123 -23.82 1.24 2.86
C GLY A 123 -24.80 0.52 1.98
N THR A 124 -25.06 1.13 0.84
CA THR A 124 -25.95 0.56 -0.16
C THR A 124 -25.18 0.54 -1.47
N VAL A 125 -25.18 -0.62 -2.11
CA VAL A 125 -24.45 -0.84 -3.35
C VAL A 125 -25.40 -0.72 -4.53
N TYR A 126 -25.03 0.10 -5.51
CA TYR A 126 -25.77 0.24 -6.76
C TYR A 126 -24.88 -0.22 -7.88
N CYS A 127 -25.50 -0.79 -8.91
CA CYS A 127 -24.76 -1.18 -10.10
C CYS A 127 -25.61 -0.87 -11.32
N ASN A 128 -25.02 -0.12 -12.26
CA ASN A 128 -25.73 0.34 -13.44
C ASN A 128 -27.04 1.03 -13.08
N GLY A 129 -26.99 1.79 -11.99
CA GLY A 129 -28.11 2.60 -11.57
C GLY A 129 -29.17 1.86 -10.76
N MET A 130 -28.93 0.57 -10.51
CA MET A 130 -29.90 -0.27 -9.81
C MET A 130 -29.44 -0.58 -8.40
N GLU A 131 -30.34 -0.44 -7.44
CA GLU A 131 -30.02 -0.79 -6.06
C GLU A 131 -29.87 -2.30 -5.96
N ILE A 132 -28.76 -2.75 -5.40
CA ILE A 132 -28.49 -4.18 -5.33
C ILE A 132 -28.63 -4.73 -3.93
N THR A 133 -27.93 -4.15 -2.97
CA THR A 133 -28.02 -4.62 -1.61
C THR A 133 -27.54 -3.56 -0.65
N SER A 134 -27.83 -3.75 0.63
CA SER A 134 -27.32 -2.89 1.66
C SER A 134 -26.69 -3.74 2.74
N HIS A 135 -25.77 -3.16 3.51
CA HIS A 135 -25.12 -3.90 4.57
C HIS A 135 -24.82 -3.00 5.75
N GLU A 136 -25.01 -3.56 6.95
CA GLU A 136 -24.68 -2.91 8.21
C GLU A 136 -23.52 -3.67 8.84
N GLY A 137 -22.42 -2.97 9.11
CA GLY A 137 -21.25 -3.60 9.70
C GLY A 137 -20.04 -3.35 8.82
N GLY A 138 -19.03 -2.71 9.38
CA GLY A 138 -17.97 -2.15 8.57
C GLY A 138 -16.69 -2.94 8.42
N PHE A 139 -16.69 -4.19 8.85
CA PHE A 139 -15.46 -4.97 8.97
C PHE A 139 -15.56 -6.37 8.42
N LEU A 140 -16.59 -6.62 7.63
CA LEU A 140 -16.80 -7.94 7.02
C LEU A 140 -17.29 -7.79 5.58
N PRO A 141 -17.13 -8.84 4.77
CA PRO A 141 -17.44 -8.72 3.34
C PRO A 141 -18.88 -8.34 3.03
N VAL A 142 -19.04 -7.56 1.97
CA VAL A 142 -20.35 -7.24 1.43
C VAL A 142 -20.45 -7.83 0.03
N LEU A 143 -21.43 -8.69 -0.16
CA LEU A 143 -21.64 -9.37 -1.42
C LEU A 143 -22.89 -8.82 -2.09
N ALA A 144 -22.76 -8.39 -3.34
CA ALA A 144 -23.87 -7.81 -4.09
C ALA A 144 -24.03 -8.57 -5.40
N ASP A 145 -25.17 -9.23 -5.55
CA ASP A 145 -25.42 -10.03 -6.75
C ASP A 145 -25.89 -9.13 -7.88
N ILE A 146 -25.02 -8.89 -8.85
CA ILE A 146 -25.35 -8.01 -9.97
C ILE A 146 -25.69 -8.79 -11.23
N SER A 147 -25.94 -10.09 -11.08
CA SER A 147 -26.25 -10.96 -12.21
C SER A 147 -27.31 -10.39 -13.16
N THR A 148 -28.35 -9.80 -12.59
CA THR A 148 -29.49 -9.34 -13.40
C THR A 148 -29.30 -7.97 -14.04
N VAL A 149 -28.27 -7.24 -13.64
CA VAL A 149 -28.04 -5.91 -14.20
C VAL A 149 -26.70 -5.78 -14.90
N ALA A 150 -25.83 -6.78 -14.70
CA ALA A 150 -24.51 -6.76 -15.29
C ALA A 150 -24.60 -6.77 -16.82
N LYS A 151 -23.67 -6.08 -17.47
CA LYS A 151 -23.61 -6.01 -18.92
C LYS A 151 -22.29 -6.59 -19.39
N PRO A 152 -22.26 -7.91 -19.64
CA PRO A 152 -21.00 -8.52 -20.10
C PRO A 152 -20.56 -7.92 -21.43
N GLY A 153 -19.25 -7.75 -21.59
CA GLY A 153 -18.71 -7.19 -22.81
C GLY A 153 -18.92 -5.70 -22.94
N GLN A 154 -19.20 -5.05 -21.81
CA GLN A 154 -19.42 -3.61 -21.78
C GLN A 154 -18.85 -3.01 -20.51
N VAL A 155 -18.70 -1.69 -20.50
CA VAL A 155 -18.36 -0.99 -19.28
C VAL A 155 -19.57 -1.01 -18.35
N ASN A 156 -19.32 -1.30 -17.08
CA ASN A 156 -20.34 -1.29 -16.04
C ASN A 156 -19.96 -0.28 -14.98
N GLN A 157 -20.94 0.12 -14.19
CA GLN A 157 -20.73 1.13 -13.18
C GLN A 157 -21.15 0.60 -11.82
N VAL A 158 -20.35 0.90 -10.80
CA VAL A 158 -20.75 0.65 -9.42
C VAL A 158 -20.73 1.96 -8.65
N VAL A 159 -21.76 2.20 -7.88
CA VAL A 159 -21.80 3.36 -7.01
C VAL A 159 -22.18 2.85 -5.63
N VAL A 160 -21.52 3.38 -4.61
CA VAL A 160 -21.81 2.96 -3.25
C VAL A 160 -22.10 4.18 -2.39
N LYS A 161 -23.24 4.17 -1.72
CA LYS A 161 -23.49 5.17 -0.70
C LYS A 161 -23.07 4.57 0.63
N ILE A 162 -22.20 5.29 1.34
CA ILE A 162 -21.66 4.81 2.60
C ILE A 162 -22.00 5.82 3.70
N ASN A 163 -22.15 5.32 4.92
CA ASN A 163 -22.38 6.19 6.06
C ASN A 163 -21.47 5.72 7.18
N ASN A 164 -20.89 6.66 7.93
CA ASN A 164 -19.93 6.32 8.98
C ASN A 164 -20.34 6.86 10.35
N GLU A 165 -21.62 7.15 10.53
CA GLU A 165 -22.09 7.61 11.83
C GLU A 165 -22.03 6.49 12.85
N LEU A 166 -22.05 6.87 14.13
CA LEU A 166 -22.04 5.89 15.21
C LEU A 166 -23.32 6.00 15.99
N ASN A 167 -23.84 4.86 16.37
CA ASN A 167 -25.08 4.81 17.12
C ASN A 167 -25.06 3.67 18.12
N GLU A 168 -26.17 3.44 18.78
CA GLU A 168 -26.26 2.41 19.81
C GLU A 168 -27.05 1.20 19.34
N THR A 169 -27.23 1.07 18.04
CA THR A 169 -27.97 -0.06 17.48
C THR A 169 -27.14 -0.86 16.47
N SER A 170 -25.87 -0.51 16.32
CA SER A 170 -24.96 -1.20 15.42
C SER A 170 -23.55 -1.13 16.01
N LEU A 171 -22.64 -1.98 15.55
CA LEU A 171 -21.29 -2.00 16.11
C LEU A 171 -20.27 -1.44 15.13
N PRO A 172 -19.25 -0.74 15.62
CA PRO A 172 -19.02 -0.47 17.04
C PRO A 172 -19.87 0.70 17.50
N CYS A 173 -20.10 0.83 18.80
CA CYS A 173 -21.08 1.79 19.27
C CYS A 173 -20.54 3.17 19.57
N GLY A 174 -21.39 4.16 19.39
CA GLY A 174 -21.03 5.52 19.73
C GLY A 174 -22.21 6.42 19.50
N ALA A 175 -21.92 7.70 19.42
CA ALA A 175 -22.95 8.70 19.15
C ALA A 175 -22.50 9.56 17.99
N THR A 176 -23.42 10.39 17.53
CA THR A 176 -23.12 11.33 16.47
C THR A 176 -23.62 12.68 16.96
N LYS A 177 -22.72 13.66 16.96
CA LYS A 177 -23.05 15.00 17.45
C LYS A 177 -23.27 15.90 16.26
N ILE A 178 -24.23 16.81 16.34
CA ILE A 178 -24.43 17.77 15.32
C ILE A 178 -23.98 19.13 15.82
N LEU A 179 -23.01 19.71 15.14
CA LEU A 179 -22.50 21.02 15.50
C LEU A 179 -23.49 22.09 15.01
N ASN A 180 -23.50 23.25 15.66
CA ASN A 180 -24.51 24.29 15.40
C ASN A 180 -24.70 24.69 13.94
N ASN A 181 -23.77 24.29 13.07
CA ASN A 181 -23.86 24.60 11.65
C ASN A 181 -24.35 23.43 10.80
N GLY A 182 -24.77 22.35 11.47
CA GLY A 182 -25.28 21.18 10.76
C GLY A 182 -24.24 20.10 10.52
N ARG A 183 -22.99 20.40 10.83
CA ARG A 183 -21.90 19.47 10.57
C ARG A 183 -21.91 18.34 11.58
N LYS A 184 -21.88 17.09 11.11
CA LYS A 184 -21.86 15.94 12.01
C LYS A 184 -20.44 15.61 12.46
N LEU A 185 -20.35 15.09 13.68
CA LEU A 185 -19.08 14.64 14.22
C LEU A 185 -19.30 13.31 14.92
N ALA A 186 -18.50 12.31 14.59
CA ALA A 186 -18.61 11.02 15.24
C ALA A 186 -18.06 11.12 16.66
N LYS A 187 -18.77 10.51 17.61
CA LYS A 187 -18.34 10.51 19.01
C LYS A 187 -18.26 9.06 19.49
N PRO A 188 -17.11 8.42 19.26
CA PRO A 188 -17.01 7.01 19.60
C PRO A 188 -17.14 6.72 21.09
N TYR A 189 -17.63 5.53 21.42
CA TYR A 189 -17.50 5.04 22.79
C TYR A 189 -16.31 4.10 22.87
N PHE A 190 -15.44 4.16 21.87
CA PHE A 190 -14.28 3.28 21.77
C PHE A 190 -13.04 4.10 21.49
N ASP A 191 -11.88 3.56 21.89
CA ASP A 191 -10.61 4.27 21.82
C ASP A 191 -9.87 4.00 20.50
N PHE A 192 -10.54 4.22 19.37
CA PHE A 192 -9.84 4.22 18.09
C PHE A 192 -10.51 5.19 17.16
N PHE A 193 -9.73 5.76 16.24
CA PHE A 193 -10.25 6.77 15.35
C PHE A 193 -11.30 6.17 14.42
N ASN A 194 -12.34 6.93 14.13
CA ASN A 194 -13.43 6.44 13.29
C ASN A 194 -13.08 6.49 11.82
N TYR A 195 -12.07 5.73 11.43
CA TYR A 195 -11.74 5.54 10.02
C TYR A 195 -12.87 4.85 9.28
N SER A 196 -13.07 5.21 8.02
CA SER A 196 -14.16 4.67 7.25
C SER A 196 -13.90 4.81 5.75
N GLY A 197 -14.81 4.26 4.97
CA GLY A 197 -14.66 4.22 3.52
C GLY A 197 -14.56 2.81 3.00
N LEU A 198 -13.85 2.63 1.89
CA LEU A 198 -13.60 1.33 1.30
C LEU A 198 -12.18 0.93 1.65
N GLN A 199 -12.05 0.28 2.79
CA GLN A 199 -10.75 0.05 3.43
C GLN A 199 -10.07 -1.24 3.00
N ARG A 200 -10.79 -2.06 2.23
CA ARG A 200 -10.30 -3.33 1.75
C ARG A 200 -10.56 -3.46 0.26
N SER A 201 -9.89 -4.41 -0.36
CA SER A 201 -10.01 -4.59 -1.79
C SER A 201 -11.42 -4.94 -2.22
N VAL A 202 -11.73 -4.54 -3.44
CA VAL A 202 -13.02 -4.81 -4.05
C VAL A 202 -12.79 -5.63 -5.30
N TRP A 203 -13.58 -6.70 -5.45
CA TRP A 203 -13.50 -7.56 -6.62
C TRP A 203 -14.85 -7.60 -7.31
N VAL A 204 -14.85 -7.81 -8.61
CA VAL A 204 -16.05 -8.32 -9.26
C VAL A 204 -15.72 -9.76 -9.64
N ILE A 205 -16.65 -10.67 -9.39
CA ILE A 205 -16.37 -12.09 -9.55
C ILE A 205 -17.49 -12.78 -10.31
N ALA A 206 -17.16 -13.92 -10.89
CA ALA A 206 -18.14 -14.73 -11.62
C ALA A 206 -18.09 -16.16 -11.09
N LEU A 207 -19.26 -16.69 -10.76
CA LEU A 207 -19.39 -18.03 -10.22
C LEU A 207 -20.30 -18.87 -11.11
N PRO A 208 -20.12 -20.20 -11.09
CA PRO A 208 -21.06 -21.06 -11.83
C PRO A 208 -22.46 -20.94 -11.24
N GLU A 209 -23.46 -21.23 -12.06
CA GLU A 209 -24.87 -21.20 -11.64
C GLU A 209 -25.09 -22.09 -10.43
N GLU A 210 -24.47 -23.26 -10.43
CA GLU A 210 -24.48 -24.11 -9.25
C GLU A 210 -23.09 -24.10 -8.65
N SER A 211 -22.97 -23.57 -7.44
CA SER A 211 -21.66 -23.32 -6.85
C SER A 211 -21.56 -23.74 -5.40
N VAL A 212 -20.33 -23.95 -4.95
CA VAL A 212 -20.03 -24.13 -3.54
C VAL A 212 -20.19 -22.79 -2.82
N LYS A 213 -21.10 -22.76 -1.86
CA LYS A 213 -21.46 -21.53 -1.16
C LYS A 213 -20.76 -21.45 0.19
N ASP A 214 -20.61 -22.59 0.84
CA ASP A 214 -19.98 -22.63 2.14
C ASP A 214 -19.46 -24.04 2.38
N TYR A 215 -18.48 -24.15 3.26
CA TYR A 215 -18.09 -25.45 3.77
C TYR A 215 -17.52 -25.25 5.17
N SER A 216 -17.45 -26.32 5.94
CA SER A 216 -16.89 -26.27 7.29
C SER A 216 -16.05 -27.49 7.52
N VAL A 217 -14.91 -27.31 8.18
CA VAL A 217 -14.09 -28.45 8.60
C VAL A 217 -13.89 -28.46 10.11
N ASP A 218 -13.75 -29.65 10.65
CA ASP A 218 -13.44 -29.83 12.07
C ASP A 218 -12.51 -31.03 12.13
N TYR A 219 -11.67 -31.09 13.16
CA TYR A 219 -10.60 -32.08 13.19
C TYR A 219 -10.63 -32.98 14.41
N GLU A 220 -10.20 -34.21 14.22
CA GLU A 220 -9.98 -35.14 15.33
C GLU A 220 -8.63 -35.81 15.12
N LEU A 221 -7.85 -35.88 16.19
CA LEU A 221 -6.53 -36.51 16.13
C LEU A 221 -6.63 -37.96 16.58
N CYS A 222 -6.11 -38.87 15.76
CA CYS A 222 -6.15 -40.30 16.05
C CYS A 222 -4.74 -40.89 15.99
N GLY A 223 -3.97 -40.71 17.05
CA GLY A 223 -2.60 -41.15 17.07
C GLY A 223 -1.75 -40.38 16.08
N THR A 224 -1.22 -41.09 15.09
CA THR A 224 -0.43 -40.45 14.04
C THR A 224 -1.32 -40.00 12.88
N ASP A 225 -2.59 -40.38 12.95
CA ASP A 225 -3.54 -40.05 11.88
C ASP A 225 -4.48 -38.93 12.31
N ALA A 226 -5.28 -38.46 11.36
CA ALA A 226 -6.26 -37.42 11.65
C ALA A 226 -7.52 -37.61 10.82
N LEU A 227 -8.63 -37.10 11.34
CA LEU A 227 -9.88 -37.08 10.59
C LEU A 227 -10.25 -35.63 10.31
N VAL A 228 -10.57 -35.33 9.06
CA VAL A 228 -11.14 -34.04 8.72
C VAL A 228 -12.62 -34.23 8.45
N LYS A 229 -13.44 -33.84 9.41
CA LYS A 229 -14.88 -33.88 9.28
C LYS A 229 -15.30 -32.63 8.52
N TYR A 230 -16.24 -32.79 7.59
CA TYR A 230 -16.63 -31.64 6.79
C TYR A 230 -18.12 -31.63 6.46
N GLU A 231 -18.61 -30.43 6.15
CA GLU A 231 -19.91 -30.23 5.55
C GLU A 231 -19.73 -29.23 4.42
N VAL A 232 -20.50 -29.41 3.36
CA VAL A 232 -20.46 -28.51 2.21
C VAL A 232 -21.88 -28.06 1.89
N VAL A 233 -22.03 -26.77 1.62
CA VAL A 233 -23.31 -26.23 1.20
C VAL A 233 -23.15 -25.69 -0.22
N THR A 234 -23.98 -26.17 -1.14
CA THR A 234 -23.92 -25.68 -2.51
C THR A 234 -25.26 -25.06 -2.85
N THR A 235 -25.35 -24.45 -4.03
CA THR A 235 -26.61 -23.84 -4.46
C THR A 235 -27.44 -24.75 -5.37
N GLY A 236 -27.14 -26.05 -5.36
CA GLY A 236 -27.85 -27.01 -6.19
C GLY A 236 -27.88 -28.40 -5.58
N GLU A 237 -28.30 -29.38 -6.39
CA GLU A 237 -28.52 -30.72 -5.91
C GLU A 237 -27.54 -31.75 -6.46
N HIS A 238 -26.61 -31.30 -7.31
CA HIS A 238 -25.65 -32.22 -7.89
C HIS A 238 -24.65 -32.74 -6.86
N PRO A 239 -24.08 -33.93 -7.12
CA PRO A 239 -23.15 -34.60 -6.21
C PRO A 239 -21.89 -33.78 -5.95
N VAL A 240 -21.33 -33.96 -4.76
CA VAL A 240 -20.11 -33.29 -4.36
C VAL A 240 -19.04 -34.32 -4.06
N ILE A 241 -17.82 -34.03 -4.51
CA ILE A 241 -16.65 -34.82 -4.17
C ILE A 241 -15.69 -33.91 -3.44
N VAL A 242 -15.08 -34.39 -2.37
CA VAL A 242 -14.13 -33.61 -1.61
C VAL A 242 -12.80 -34.34 -1.57
N ARG A 243 -11.75 -33.61 -1.92
CA ARG A 243 -10.41 -34.16 -1.91
C ARG A 243 -9.54 -33.33 -0.97
N LEU A 244 -8.53 -33.97 -0.40
CA LEU A 244 -7.53 -33.26 0.38
C LEU A 244 -6.16 -33.52 -0.21
N LEU A 245 -5.45 -32.44 -0.52
CA LEU A 245 -4.10 -32.51 -1.05
C LEU A 245 -3.10 -32.06 0.03
N ASP A 246 -1.92 -32.66 0.04
CA ASP A 246 -0.88 -32.18 0.95
C ASP A 246 -0.22 -30.92 0.40
N ALA A 247 0.81 -30.45 1.10
CA ALA A 247 1.47 -29.20 0.74
C ALA A 247 2.17 -29.29 -0.62
N GLU A 248 2.42 -30.50 -1.10
CA GLU A 248 3.00 -30.68 -2.43
C GLU A 248 1.94 -30.94 -3.50
N GLY A 249 0.69 -30.96 -3.11
CA GLY A 249 -0.39 -31.20 -4.07
C GLY A 249 -0.73 -32.66 -4.30
N GLU A 250 -0.17 -33.55 -3.49
CA GLU A 250 -0.46 -34.97 -3.62
C GLU A 250 -1.77 -35.31 -2.91
N LEU A 251 -2.57 -36.18 -3.52
CA LEU A 251 -3.84 -36.58 -2.96
C LEU A 251 -3.63 -37.47 -1.74
N VAL A 252 -4.16 -37.05 -0.60
CA VAL A 252 -4.04 -37.87 0.60
C VAL A 252 -5.38 -38.42 1.08
N ALA A 253 -6.48 -37.85 0.58
CA ALA A 253 -7.80 -38.32 0.98
C ALA A 253 -8.87 -37.86 -0.02
N GLU A 254 -9.90 -38.67 -0.18
CA GLU A 254 -10.98 -38.34 -1.09
C GLU A 254 -12.26 -39.03 -0.63
N THR A 255 -13.35 -38.29 -0.63
CA THR A 255 -14.64 -38.81 -0.20
C THR A 255 -15.77 -38.16 -0.98
N GLU A 256 -16.93 -38.81 -0.99
CA GLU A 256 -18.08 -38.29 -1.71
C GLU A 256 -19.16 -37.86 -0.72
N GLY A 257 -19.88 -36.80 -1.07
CA GLY A 257 -21.00 -36.36 -0.26
C GLY A 257 -20.81 -34.98 0.29
N LYS A 258 -21.92 -34.29 0.54
CA LYS A 258 -21.87 -32.95 1.12
C LYS A 258 -21.52 -32.99 2.60
N GLU A 259 -21.61 -34.16 3.21
CA GLU A 259 -21.14 -34.34 4.57
C GLU A 259 -20.26 -35.58 4.57
N GLY A 260 -19.14 -35.52 5.27
CA GLY A 260 -18.27 -36.68 5.31
C GLY A 260 -17.04 -36.50 6.17
N ILE A 261 -16.17 -37.49 6.09
CA ILE A 261 -14.94 -37.51 6.83
C ILE A 261 -13.80 -37.86 5.89
N LEU A 262 -12.74 -37.07 5.92
CA LEU A 262 -11.54 -37.37 5.17
C LEU A 262 -10.55 -37.99 6.13
N GLN A 263 -10.05 -39.18 5.80
CA GLN A 263 -9.10 -39.86 6.66
C GLN A 263 -7.67 -39.60 6.19
N VAL A 264 -6.87 -39.03 7.07
CA VAL A 264 -5.51 -38.65 6.74
C VAL A 264 -4.50 -39.49 7.52
N ALA A 265 -3.80 -40.37 6.81
CA ALA A 265 -2.76 -41.18 7.42
C ALA A 265 -1.52 -40.33 7.66
N ASN A 266 -0.90 -40.53 8.83
CA ASN A 266 0.34 -39.85 9.16
C ASN A 266 0.23 -38.36 8.93
N ALA A 267 -0.82 -37.78 9.49
CA ALA A 267 -1.12 -36.37 9.27
C ALA A 267 -0.01 -35.46 9.76
N ARG A 268 0.28 -34.44 8.96
CA ARG A 268 1.22 -33.42 9.39
C ARG A 268 0.42 -32.29 10.01
N LEU A 269 0.44 -32.22 11.33
CA LEU A 269 -0.39 -31.24 12.03
C LEU A 269 0.09 -29.82 11.82
N TRP A 270 -0.86 -28.90 11.82
CA TRP A 270 -0.58 -27.48 11.88
C TRP A 270 -0.19 -27.16 13.33
N GLU A 271 1.03 -26.67 13.52
CA GLU A 271 1.55 -26.46 14.87
C GLU A 271 1.83 -24.99 15.11
N VAL A 272 1.80 -24.57 16.37
CA VAL A 272 2.11 -23.19 16.72
C VAL A 272 3.50 -22.81 16.21
N ARG A 273 3.55 -21.74 15.42
N ARG A 273 3.53 -21.73 15.43
CA ARG A 273 4.78 -21.22 14.85
CA ARG A 273 4.76 -21.22 14.81
C ARG A 273 5.49 -22.26 13.96
C ARG A 273 5.50 -22.32 14.04
N ASN A 274 4.73 -23.24 13.49
CA ASN A 274 5.27 -24.32 12.68
C ASN A 274 4.12 -24.90 11.85
N ALA A 275 3.60 -24.07 10.96
CA ALA A 275 2.41 -24.41 10.17
C ALA A 275 2.67 -25.51 9.16
N TYR A 276 1.61 -26.25 8.87
CA TYR A 276 1.56 -27.09 7.69
C TYR A 276 0.16 -26.95 7.14
N LEU A 277 0.04 -26.73 5.85
CA LEU A 277 -1.28 -26.53 5.25
C LEU A 277 -1.58 -27.55 4.18
N TYR A 278 -2.70 -28.24 4.34
CA TYR A 278 -3.27 -29.04 3.29
C TYR A 278 -4.15 -28.14 2.44
N GLN A 279 -4.58 -28.66 1.29
CA GLN A 279 -5.52 -27.95 0.44
C GLN A 279 -6.76 -28.79 0.28
N ILE A 280 -7.91 -28.25 0.71
CA ILE A 280 -9.17 -28.92 0.47
C ILE A 280 -9.68 -28.51 -0.89
N VAL A 281 -10.21 -29.49 -1.62
CA VAL A 281 -10.72 -29.29 -2.96
C VAL A 281 -12.14 -29.84 -2.98
N ILE A 282 -13.09 -28.97 -3.30
CA ILE A 282 -14.50 -29.33 -3.27
C ILE A 282 -15.02 -29.21 -4.68
N LEU A 283 -15.51 -30.32 -5.22
CA LEU A 283 -16.00 -30.38 -6.60
C LEU A 283 -17.49 -30.68 -6.62
N ILE A 284 -18.21 -29.98 -7.48
CA ILE A 284 -19.58 -30.35 -7.80
C ILE A 284 -19.52 -31.03 -9.16
N THR A 285 -20.13 -32.20 -9.27
CA THR A 285 -20.02 -32.99 -10.50
C THR A 285 -21.38 -33.21 -11.17
N ASP A 286 -21.34 -33.39 -12.50
CA ASP A 286 -22.53 -33.68 -13.26
C ASP A 286 -22.44 -35.07 -13.89
N GLY A 287 -21.57 -35.90 -13.33
CA GLY A 287 -21.36 -37.25 -13.83
C GLY A 287 -20.10 -37.34 -14.67
N ASN A 288 -20.17 -36.80 -15.87
CA ASN A 288 -19.03 -36.79 -16.79
C ASN A 288 -18.24 -35.48 -16.75
N GLY A 289 -18.70 -34.53 -15.95
CA GLY A 289 -18.04 -33.23 -15.87
C GLY A 289 -18.10 -32.56 -14.51
N VAL A 290 -17.30 -31.51 -14.36
CA VAL A 290 -17.27 -30.73 -13.14
C VAL A 290 -18.01 -29.42 -13.35
N LEU A 291 -18.87 -29.08 -12.41
CA LEU A 291 -19.59 -27.84 -12.48
C LEU A 291 -18.94 -26.66 -11.70
N ASP A 292 -18.28 -26.99 -10.62
CA ASP A 292 -17.60 -25.99 -9.82
C ASP A 292 -16.47 -26.67 -9.06
N GLU A 293 -15.48 -25.88 -8.70
CA GLU A 293 -14.39 -26.34 -7.87
C GLU A 293 -14.02 -25.19 -6.95
N TYR A 294 -14.01 -25.46 -5.65
CA TYR A 294 -13.48 -24.53 -4.68
C TYR A 294 -12.28 -25.15 -3.97
N ARG A 295 -11.22 -24.36 -3.80
CA ARG A 295 -10.01 -24.83 -3.14
C ARG A 295 -9.59 -23.81 -2.10
N GLU A 296 -9.10 -24.30 -0.97
CA GLU A 296 -8.63 -23.42 0.09
C GLU A 296 -7.63 -24.18 0.94
N LYS A 297 -6.64 -23.46 1.45
CA LYS A 297 -5.67 -24.06 2.36
C LYS A 297 -6.22 -24.14 3.76
N ILE A 298 -6.07 -25.30 4.39
CA ILE A 298 -6.54 -25.50 5.76
C ILE A 298 -5.43 -26.19 6.56
N GLY A 299 -5.53 -26.19 7.89
CA GLY A 299 -4.51 -26.83 8.70
C GLY A 299 -5.16 -27.74 9.72
N ILE A 300 -4.64 -28.96 9.83
CA ILE A 300 -5.18 -29.93 10.76
C ILE A 300 -4.67 -29.63 12.15
N ARG A 301 -5.57 -29.17 13.02
CA ARG A 301 -5.19 -28.82 14.38
C ARG A 301 -6.44 -28.86 15.25
N THR A 302 -6.27 -29.15 16.54
CA THR A 302 -7.39 -29.07 17.47
C THR A 302 -7.08 -28.06 18.56
N VAL A 303 -8.12 -27.44 19.07
CA VAL A 303 -7.99 -26.54 20.20
C VAL A 303 -9.07 -26.87 21.18
N ARG A 304 -8.72 -26.93 22.45
CA ARG A 304 -9.73 -27.11 23.47
C ARG A 304 -9.27 -26.58 24.81
N ILE A 305 -10.24 -26.23 25.64
CA ILE A 305 -9.92 -25.79 26.99
C ILE A 305 -10.13 -26.99 27.90
N GLU A 306 -9.10 -27.33 28.66
CA GLU A 306 -9.18 -28.45 29.59
C GLU A 306 -8.65 -27.96 30.92
N GLY A 307 -9.53 -27.89 31.91
CA GLY A 307 -9.18 -27.25 33.17
C GLY A 307 -8.67 -25.85 32.92
N THR A 308 -7.51 -25.53 33.49
CA THR A 308 -6.95 -24.21 33.34
C THR A 308 -6.00 -24.08 32.14
N LYS A 309 -5.97 -25.11 31.30
CA LYS A 309 -5.06 -25.12 30.15
C LYS A 309 -5.76 -24.88 28.81
N ILE A 310 -5.04 -24.24 27.91
CA ILE A 310 -5.45 -24.10 26.54
C ILE A 310 -4.65 -25.13 25.77
N LEU A 311 -5.33 -26.11 25.19
CA LEU A 311 -4.63 -27.22 24.53
C LEU A 311 -4.68 -27.05 23.03
N LEU A 312 -3.51 -27.06 22.41
CA LEU A 312 -3.40 -27.02 20.96
C LEU A 312 -2.81 -28.36 20.55
N ASN A 313 -3.56 -29.13 19.77
CA ASN A 313 -3.14 -30.49 19.42
C ASN A 313 -2.79 -31.30 20.67
N ASP A 314 -3.61 -31.14 21.70
CA ASP A 314 -3.51 -31.91 22.94
C ASP A 314 -2.38 -31.48 23.88
N ARG A 315 -1.67 -30.41 23.52
CA ARG A 315 -0.57 -29.92 24.36
C ARG A 315 -0.85 -28.50 24.83
N PRO A 316 -0.57 -28.20 26.10
CA PRO A 316 -0.79 -26.83 26.57
C PRO A 316 0.02 -25.82 25.78
N VAL A 317 -0.59 -24.67 25.52
CA VAL A 317 0.12 -23.56 24.94
C VAL A 317 -0.14 -22.33 25.78
N TYR A 318 0.89 -21.53 25.99
CA TYR A 318 0.76 -20.28 26.71
C TYR A 318 0.73 -19.19 25.65
N LEU A 319 -0.32 -18.39 25.62
CA LEU A 319 -0.45 -17.37 24.58
C LEU A 319 0.48 -16.20 24.86
N LYS A 320 1.19 -15.78 23.83
CA LYS A 320 2.17 -14.69 23.94
C LYS A 320 1.99 -13.79 22.74
N GLY A 321 1.62 -12.54 22.96
CA GLY A 321 1.51 -11.68 21.82
C GLY A 321 0.85 -10.36 22.13
N PHE A 322 -0.06 -9.94 21.25
CA PHE A 322 -0.57 -8.58 21.29
C PHE A 322 -1.99 -8.47 20.83
N GLY A 323 -2.69 -7.45 21.30
CA GLY A 323 -3.77 -6.88 20.52
C GLY A 323 -3.17 -5.99 19.45
N LYS A 324 -3.76 -6.01 18.27
CA LYS A 324 -3.30 -5.16 17.18
C LYS A 324 -4.39 -4.16 16.81
N HIS A 325 -4.27 -3.59 15.62
CA HIS A 325 -5.32 -2.81 14.97
C HIS A 325 -5.05 -2.94 13.48
N GLU A 326 -6.00 -2.59 12.64
CA GLU A 326 -5.66 -2.31 11.26
C GLU A 326 -5.40 -0.81 11.20
N ASP A 327 -4.14 -0.43 11.23
CA ASP A 327 -3.78 0.97 11.43
C ASP A 327 -2.38 1.17 10.92
N PHE A 328 -2.20 2.18 10.07
CA PHE A 328 -0.89 2.47 9.50
C PHE A 328 -0.92 3.89 8.98
N PRO A 329 0.24 4.58 8.94
CA PRO A 329 0.21 5.98 8.50
C PRO A 329 -0.38 6.18 7.10
N ILE A 330 -1.23 7.19 7.00
CA ILE A 330 -1.90 7.62 5.77
C ILE A 330 -3.03 6.69 5.31
N LEU A 331 -2.71 5.40 5.18
CA LEU A 331 -3.70 4.42 4.75
C LEU A 331 -4.83 4.23 5.76
N GLY A 332 -4.57 4.55 7.02
CA GLY A 332 -5.57 4.32 8.06
C GLY A 332 -5.73 2.84 8.29
N ARG A 333 -6.93 2.31 8.04
CA ARG A 333 -7.16 0.87 8.14
C ARG A 333 -7.02 0.20 6.79
N GLY A 334 -6.57 0.95 5.79
CA GLY A 334 -6.43 0.39 4.46
C GLY A 334 -5.52 -0.82 4.46
N PHE A 335 -5.98 -1.89 3.82
CA PHE A 335 -5.18 -3.10 3.79
C PHE A 335 -3.98 -3.00 2.84
N HIS A 336 -2.84 -3.51 3.30
CA HIS A 336 -1.68 -3.67 2.43
C HIS A 336 -0.86 -4.84 2.91
N TRP A 337 -0.51 -5.73 2.00
CA TRP A 337 0.32 -6.87 2.33
C TRP A 337 1.65 -6.47 2.98
N GLY A 338 2.14 -5.28 2.67
CA GLY A 338 3.40 -4.83 3.26
C GLY A 338 3.30 -4.65 4.75
N ILE A 339 2.14 -4.18 5.22
CA ILE A 339 1.93 -4.03 6.65
C ILE A 339 1.88 -5.42 7.30
N VAL A 340 1.20 -6.35 6.65
CA VAL A 340 1.17 -7.72 7.14
C VAL A 340 2.58 -8.27 7.28
N LYS A 341 3.39 -8.12 6.24
CA LYS A 341 4.74 -8.69 6.25
C LYS A 341 5.59 -8.10 7.36
N ARG A 342 5.64 -6.77 7.45
CA ARG A 342 6.44 -6.16 8.50
C ARG A 342 5.95 -6.57 9.87
N ASP A 343 4.63 -6.54 10.06
CA ASP A 343 4.09 -6.85 11.38
C ASP A 343 4.42 -8.28 11.79
N PHE A 344 4.29 -9.22 10.86
CA PHE A 344 4.64 -10.60 11.19
C PHE A 344 6.13 -10.76 11.47
N GLU A 345 6.99 -10.05 10.73
CA GLU A 345 8.41 -10.13 11.05
C GLU A 345 8.67 -9.60 12.47
N CYS A 346 7.97 -8.52 12.85
CA CYS A 346 8.12 -7.98 14.19
C CYS A 346 7.60 -8.95 15.24
N LEU A 347 6.43 -9.52 14.97
CA LEU A 347 5.86 -10.50 15.89
C LEU A 347 6.82 -11.66 16.11
N LYS A 348 7.35 -12.19 15.02
CA LYS A 348 8.28 -13.31 15.15
C LYS A 348 9.53 -12.91 15.92
N TRP A 349 10.03 -11.70 15.69
CA TRP A 349 11.21 -11.23 16.38
C TRP A 349 10.96 -11.15 17.89
N THR A 350 9.72 -10.85 18.31
CA THR A 350 9.42 -10.84 19.74
C THR A 350 9.18 -12.22 20.33
N ASN A 351 9.16 -13.25 19.48
CA ASN A 351 8.84 -14.61 19.89
C ASN A 351 7.39 -14.80 20.29
N ALA A 352 6.53 -13.94 19.76
CA ALA A 352 5.09 -14.08 19.98
C ALA A 352 4.53 -15.30 19.27
N ASN A 353 3.36 -15.76 19.71
CA ASN A 353 2.66 -16.82 19.01
C ASN A 353 1.21 -16.49 18.72
N CYS A 354 0.74 -15.29 19.07
CA CYS A 354 -0.69 -15.02 19.06
C CYS A 354 -1.01 -13.55 18.93
N PHE A 355 -2.11 -13.25 18.23
CA PHE A 355 -2.69 -11.92 18.36
C PHE A 355 -4.19 -11.99 18.38
N ARG A 356 -4.79 -10.96 18.95
CA ARG A 356 -6.23 -10.77 18.95
C ARG A 356 -6.56 -9.71 17.93
N THR A 357 -7.62 -9.91 17.14
CA THR A 357 -8.05 -8.91 16.17
C THR A 357 -8.86 -7.82 16.84
N SER A 358 -8.27 -7.18 17.83
CA SER A 358 -8.90 -6.05 18.47
C SER A 358 -9.13 -4.93 17.43
N HIS A 359 -10.32 -4.30 17.36
CA HIS A 359 -11.58 -4.72 17.98
C HIS A 359 -12.62 -4.95 16.89
N TYR A 360 -12.25 -5.76 15.90
CA TYR A 360 -13.10 -6.00 14.73
C TYR A 360 -12.38 -7.04 13.90
N PRO A 361 -13.12 -7.80 13.10
CA PRO A 361 -12.44 -8.74 12.20
C PRO A 361 -11.55 -7.96 11.25
N TYR A 362 -10.37 -8.50 10.97
CA TYR A 362 -9.43 -7.84 10.07
C TYR A 362 -9.68 -8.30 8.64
N ALA A 363 -8.97 -7.71 7.71
CA ALA A 363 -9.02 -8.23 6.33
C ALA A 363 -8.63 -9.70 6.34
N GLU A 364 -9.26 -10.46 5.46
CA GLU A 364 -9.08 -11.91 5.39
C GLU A 364 -7.62 -12.30 5.24
N GLU A 365 -6.88 -11.47 4.52
CA GLU A 365 -5.47 -11.73 4.24
C GLU A 365 -4.64 -11.88 5.52
N TRP A 366 -5.01 -11.18 6.58
CA TRP A 366 -4.29 -11.35 7.86
C TRP A 366 -4.35 -12.78 8.36
N TYR A 367 -5.49 -13.42 8.19
CA TYR A 367 -5.71 -14.77 8.67
C TYR A 367 -5.03 -15.77 7.76
N GLN A 368 -5.10 -15.53 6.46
CA GLN A 368 -4.37 -16.35 5.51
C GLN A 368 -2.89 -16.40 5.87
N PHE A 369 -2.36 -15.25 6.26
CA PHE A 369 -0.95 -15.17 6.59
C PHE A 369 -0.64 -15.81 7.93
N ALA A 370 -1.50 -15.59 8.92
CA ALA A 370 -1.34 -16.27 10.20
C ALA A 370 -1.33 -17.78 10.02
N ASP A 371 -2.16 -18.28 9.10
CA ASP A 371 -2.20 -19.70 8.82
C ASP A 371 -0.83 -20.18 8.33
N GLU A 372 -0.20 -19.40 7.47
CA GLU A 372 1.10 -19.76 6.89
C GLU A 372 2.20 -19.68 7.95
N GLU A 373 2.09 -18.74 8.85
CA GLU A 373 3.15 -18.47 9.84
C GLU A 373 2.94 -19.19 11.16
N GLY A 374 1.83 -19.92 11.28
CA GLY A 374 1.53 -20.65 12.49
C GLY A 374 1.20 -19.75 13.67
N PHE A 375 0.60 -18.59 13.42
CA PHE A 375 0.12 -17.76 14.53
C PHE A 375 -1.29 -18.11 14.95
N LEU A 376 -1.54 -18.00 16.25
CA LEU A 376 -2.86 -18.21 16.82
C LEU A 376 -3.60 -16.88 16.84
N ILE A 377 -4.87 -16.92 16.47
CA ILE A 377 -5.69 -15.72 16.45
C ILE A 377 -6.92 -15.89 17.32
N ILE A 378 -7.17 -14.88 18.14
CA ILE A 378 -8.46 -14.68 18.78
C ILE A 378 -9.20 -13.68 17.91
N ASP A 379 -10.28 -14.13 17.28
CA ASP A 379 -10.98 -13.36 16.26
C ASP A 379 -12.13 -12.62 16.93
N GLU A 380 -12.10 -11.29 16.87
CA GLU A 380 -13.00 -10.47 17.66
C GLU A 380 -14.00 -9.70 16.81
N VAL A 381 -15.26 -9.83 17.19
CA VAL A 381 -16.37 -9.13 16.53
C VAL A 381 -16.38 -7.69 17.07
N PRO A 382 -16.93 -6.71 16.31
CA PRO A 382 -16.73 -5.31 16.74
C PRO A 382 -17.64 -4.81 17.86
N ALA A 383 -17.91 -5.69 18.82
CA ALA A 383 -18.77 -5.38 19.95
C ALA A 383 -17.99 -4.64 21.03
N VAL A 384 -17.62 -3.41 20.66
CA VAL A 384 -16.84 -2.54 21.53
C VAL A 384 -17.61 -1.22 21.62
N GLY A 385 -17.54 -0.61 22.78
CA GLY A 385 -18.25 0.63 23.06
C GLY A 385 -19.55 0.45 23.81
N MET A 386 -19.67 -0.74 24.43
CA MET A 386 -20.87 -1.21 25.15
C MET A 386 -20.79 -0.90 26.64
N MET A 387 -20.40 0.35 26.91
CA MET A 387 -20.11 0.78 28.27
C MET A 387 -21.03 1.91 28.63
N ARG A 388 -21.46 1.93 29.89
CA ARG A 388 -22.37 2.87 30.31
C ARG A 388 -21.55 4.10 30.74
N SER A 389 -20.53 3.94 31.57
CA SER A 389 -19.68 5.06 31.92
C SER A 389 -19.25 5.85 30.69
N THR A 390 -18.47 5.21 29.83
CA THR A 390 -18.00 5.85 28.61
C THR A 390 -19.16 6.31 27.74
N ARG A 391 -20.17 5.51 27.56
CA ARG A 391 -21.34 6.00 26.92
C ARG A 391 -21.91 7.22 27.63
N ASN A 392 -22.03 7.20 28.93
CA ASN A 392 -22.71 8.34 29.51
C ASN A 392 -21.87 9.61 29.42
N PHE A 393 -20.58 9.47 29.60
CA PHE A 393 -19.67 10.59 29.48
C PHE A 393 -19.70 11.17 28.07
N VAL A 394 -19.55 10.34 27.05
CA VAL A 394 -19.41 10.87 25.71
C VAL A 394 -20.71 11.52 25.24
N ALA A 395 -21.82 10.81 25.48
CA ALA A 395 -23.17 11.15 25.04
C ALA A 395 -23.67 12.44 25.67
N TYR A 403 -26.28 1.85 32.22
CA TYR A 403 -27.58 1.32 31.93
C TYR A 403 -27.64 0.99 30.44
N PHE A 404 -26.46 0.65 29.89
CA PHE A 404 -26.36 0.48 28.48
C PHE A 404 -27.33 -0.55 27.93
N PHE A 405 -27.49 -1.66 28.62
CA PHE A 405 -28.21 -2.82 28.12
C PHE A 405 -29.65 -2.79 28.55
N GLU A 406 -30.01 -1.68 29.11
CA GLU A 406 -31.38 -1.45 29.56
C GLU A 406 -32.10 -0.46 28.64
N ALA A 407 -31.36 0.07 27.67
CA ALA A 407 -31.92 1.02 26.72
C ALA A 407 -32.75 0.28 25.67
N LEU A 408 -33.91 0.84 25.35
CA LEU A 408 -34.86 0.26 24.37
C LEU A 408 -34.29 -0.09 22.96
N THR A 409 -33.10 0.39 22.66
CA THR A 409 -32.41 0.16 21.39
C THR A 409 -31.70 -1.18 21.38
N VAL A 410 -31.62 -1.68 22.54
CA VAL A 410 -30.85 -2.92 22.83
C VAL A 410 -31.24 -4.15 22.01
N PRO A 411 -32.51 -4.38 21.82
CA PRO A 411 -32.98 -5.52 21.02
C PRO A 411 -32.44 -5.41 19.60
N GLU A 412 -32.38 -4.19 19.09
CA GLU A 412 -31.80 -3.91 17.78
C GLU A 412 -30.27 -4.09 17.74
N LEU A 413 -29.62 -3.63 18.78
CA LEU A 413 -28.19 -3.81 18.90
C LEU A 413 -27.86 -5.30 18.92
N LEU A 414 -28.65 -6.06 19.67
CA LEU A 414 -28.43 -7.51 19.76
C LEU A 414 -28.50 -8.17 18.40
N LYS A 415 -29.49 -7.78 17.59
CA LYS A 415 -29.63 -8.32 16.25
C LYS A 415 -28.40 -8.00 15.41
N SER A 416 -27.89 -6.77 15.51
CA SER A 416 -26.73 -6.38 14.73
C SER A 416 -25.51 -7.18 15.17
N HIS A 417 -25.36 -7.34 16.48
CA HIS A 417 -24.23 -8.05 17.08
C HIS A 417 -24.24 -9.51 16.65
N ILE A 418 -25.41 -10.14 16.70
CA ILE A 418 -25.54 -11.52 16.26
C ILE A 418 -25.25 -11.65 14.77
N ALA A 419 -25.75 -10.71 13.96
CA ALA A 419 -25.47 -10.74 12.53
C ALA A 419 -23.98 -10.66 12.23
N ASP A 420 -23.29 -9.75 12.90
CA ASP A 420 -21.85 -9.60 12.68
C ASP A 420 -21.12 -10.86 13.15
N THR A 421 -21.60 -11.46 14.22
CA THR A 421 -21.02 -12.70 14.73
C THR A 421 -21.17 -13.83 13.72
N GLU A 422 -22.36 -13.97 13.14
CA GLU A 422 -22.59 -14.98 12.14
C GLU A 422 -21.68 -14.77 10.94
N GLU A 423 -21.55 -13.52 10.52
CA GLU A 423 -20.71 -13.22 9.37
C GLU A 423 -19.25 -13.52 9.66
N MET A 424 -18.76 -13.08 10.82
CA MET A 424 -17.38 -13.33 11.21
C MET A 424 -17.06 -14.81 11.24
N ILE A 425 -17.91 -15.58 11.93
CA ILE A 425 -17.65 -16.99 12.08
C ILE A 425 -17.73 -17.73 10.76
N THR A 426 -18.75 -17.40 9.95
CA THR A 426 -18.86 -18.03 8.64
C THR A 426 -17.66 -17.69 7.77
N ARG A 427 -17.15 -16.46 7.86
CA ARG A 427 -16.01 -16.09 7.06
C ARG A 427 -14.72 -16.79 7.50
N ASP A 428 -14.52 -16.90 8.82
CA ASP A 428 -13.20 -17.22 9.37
C ASP A 428 -13.00 -18.61 9.94
N LYS A 429 -14.08 -19.39 10.02
CA LYS A 429 -14.04 -20.66 10.72
C LYS A 429 -13.00 -21.66 10.21
N ASN A 430 -12.68 -21.61 8.92
CA ASN A 430 -11.79 -22.63 8.36
C ASN A 430 -10.31 -22.27 8.38
N HIS A 431 -9.98 -21.14 8.99
CA HIS A 431 -8.56 -20.83 9.23
C HIS A 431 -8.06 -21.62 10.42
N PRO A 432 -6.99 -22.39 10.22
CA PRO A 432 -6.42 -23.07 11.40
C PRO A 432 -5.94 -22.07 12.45
N SER A 433 -5.52 -20.90 12.02
CA SER A 433 -5.04 -19.90 12.98
C SER A 433 -6.11 -19.47 13.97
N VAL A 434 -7.39 -19.50 13.56
CA VAL A 434 -8.44 -18.97 14.44
C VAL A 434 -8.80 -20.01 15.47
N ILE A 435 -8.39 -19.76 16.70
CA ILE A 435 -8.59 -20.74 17.77
C ILE A 435 -9.59 -20.30 18.83
N ALA A 436 -10.08 -19.08 18.73
CA ALA A 436 -11.08 -18.59 19.67
C ALA A 436 -11.82 -17.42 19.06
N TRP A 437 -13.05 -17.23 19.51
CA TRP A 437 -13.85 -16.06 19.15
C TRP A 437 -13.98 -15.16 20.34
N SER A 438 -13.67 -13.88 20.17
CA SER A 438 -13.94 -12.89 21.18
C SER A 438 -15.21 -12.15 20.78
N LEU A 439 -16.22 -12.22 21.64
CA LEU A 439 -17.54 -11.74 21.28
C LEU A 439 -17.86 -10.36 21.86
N PHE A 440 -16.87 -9.76 22.54
CA PHE A 440 -17.03 -8.41 23.04
C PHE A 440 -15.71 -7.89 23.55
N ASN A 441 -15.60 -6.56 23.61
CA ASN A 441 -14.51 -5.92 24.32
C ASN A 441 -15.06 -4.85 25.25
N GLU A 442 -14.92 -5.10 26.55
CA GLU A 442 -15.30 -4.13 27.59
C GLU A 442 -16.75 -3.65 27.54
N PRO A 443 -17.71 -4.58 27.53
CA PRO A 443 -19.12 -4.18 27.69
C PRO A 443 -19.47 -4.15 29.17
N GLU A 444 -20.63 -3.63 29.50
CA GLU A 444 -21.18 -3.83 30.82
C GLU A 444 -21.58 -5.30 31.01
N THR A 445 -21.25 -5.90 32.13
CA THR A 445 -21.57 -7.31 32.32
C THR A 445 -22.14 -7.62 33.69
N ILE A 446 -22.41 -6.59 34.48
CA ILE A 446 -22.73 -6.78 35.88
C ILE A 446 -24.23 -6.76 36.19
N THR A 447 -25.06 -6.91 35.17
CA THR A 447 -26.51 -7.00 35.39
C THR A 447 -27.07 -8.22 34.69
N ASP A 448 -28.28 -8.62 35.08
CA ASP A 448 -28.94 -9.74 34.46
C ASP A 448 -29.32 -9.41 33.02
N TYR A 449 -29.58 -8.13 32.76
CA TYR A 449 -29.83 -7.67 31.40
C TYR A 449 -28.64 -8.03 30.51
N ALA A 450 -27.43 -7.76 30.98
CA ALA A 450 -26.23 -8.06 30.22
C ALA A 450 -26.09 -9.56 30.01
N TYR A 451 -26.37 -10.34 31.06
CA TYR A 451 -26.29 -11.79 30.95
C TYR A 451 -27.23 -12.32 29.87
N GLU A 452 -28.48 -11.86 29.89
CA GLU A 452 -29.47 -12.32 28.92
C GLU A 452 -29.07 -11.95 27.50
N TYR A 453 -28.51 -10.75 27.35
CA TYR A 453 -28.02 -10.27 26.07
C TYR A 453 -26.90 -11.19 25.56
N PHE A 454 -25.88 -11.40 26.39
CA PHE A 454 -24.74 -12.18 25.95
C PHE A 454 -25.04 -13.67 25.80
N LYS A 455 -25.99 -14.17 26.59
CA LYS A 455 -26.40 -15.55 26.43
C LYS A 455 -26.86 -15.77 24.98
N GLU A 456 -27.60 -14.81 24.43
CA GLU A 456 -28.08 -14.92 23.06
C GLU A 456 -26.92 -14.87 22.05
N VAL A 457 -25.97 -13.98 22.30
CA VAL A 457 -24.82 -13.86 21.40
C VAL A 457 -24.01 -15.16 21.38
N PHE A 458 -23.74 -15.69 22.57
CA PHE A 458 -22.95 -16.91 22.67
C PHE A 458 -23.69 -18.09 22.05
N ALA A 459 -24.99 -18.17 22.25
CA ALA A 459 -25.78 -19.26 21.67
C ALA A 459 -25.72 -19.20 20.15
N ALA A 460 -25.82 -17.99 19.60
CA ALA A 460 -25.73 -17.83 18.16
C ALA A 460 -24.36 -18.24 17.64
N ALA A 461 -23.30 -17.77 18.32
CA ALA A 461 -21.95 -18.08 17.89
C ALA A 461 -21.77 -19.58 17.84
N GLU A 462 -22.26 -20.26 18.87
CA GLU A 462 -22.14 -21.71 18.95
C GLU A 462 -22.81 -22.39 17.77
N THR A 463 -23.97 -21.89 17.35
CA THR A 463 -24.66 -22.50 16.22
C THR A 463 -23.90 -22.32 14.90
N TYR A 464 -23.15 -21.23 14.79
CA TYR A 464 -22.45 -20.94 13.53
C TYR A 464 -21.09 -21.64 13.43
N ASP A 465 -20.50 -21.99 14.57
CA ASP A 465 -19.16 -22.57 14.53
C ASP A 465 -19.19 -24.10 14.54
N PHE A 466 -18.98 -24.67 13.36
CA PHE A 466 -18.89 -26.12 13.17
C PHE A 466 -17.92 -26.78 14.15
N GLN A 467 -16.87 -26.05 14.55
CA GLN A 467 -15.85 -26.60 15.44
C GLN A 467 -16.17 -26.43 16.91
N SER A 468 -17.13 -25.55 17.21
CA SER A 468 -17.44 -25.21 18.61
C SER A 468 -16.17 -24.86 19.37
N ARG A 469 -15.31 -24.06 18.76
CA ARG A 469 -14.05 -23.70 19.40
C ARG A 469 -14.30 -22.66 20.49
N PRO A 470 -13.30 -22.42 21.35
CA PRO A 470 -13.50 -21.59 22.54
C PRO A 470 -14.03 -20.19 22.24
N MET A 471 -15.00 -19.80 23.06
CA MET A 471 -15.58 -18.47 22.98
C MET A 471 -15.29 -17.69 24.24
N THR A 472 -15.04 -16.41 24.08
CA THR A 472 -14.62 -15.58 25.18
C THR A 472 -15.02 -14.15 24.85
N GLY A 473 -14.58 -13.22 25.70
CA GLY A 473 -14.65 -11.79 25.41
C GLY A 473 -13.72 -11.13 26.38
N ALA A 474 -13.34 -9.88 26.10
CA ALA A 474 -12.40 -9.15 26.94
C ALA A 474 -13.16 -8.28 27.94
N PHE A 475 -12.88 -8.50 29.21
CA PHE A 475 -13.58 -7.80 30.28
C PHE A 475 -12.80 -6.61 30.81
N GLU A 476 -13.50 -5.50 31.02
CA GLU A 476 -12.97 -4.32 31.67
C GLU A 476 -13.01 -4.51 33.19
N LYS A 477 -12.24 -3.69 33.91
CA LYS A 477 -12.14 -3.83 35.37
C LYS A 477 -13.47 -3.66 36.11
N ASN A 478 -14.42 -2.94 35.49
CA ASN A 478 -15.75 -2.77 36.10
C ASN A 478 -16.48 -4.09 36.30
N SER A 479 -16.12 -5.09 35.50
CA SER A 479 -16.67 -6.43 35.64
C SER A 479 -16.01 -7.14 36.82
N LYS A 480 -16.31 -6.67 38.02
CA LYS A 480 -15.69 -7.23 39.22
C LYS A 480 -16.05 -8.69 39.38
N PRO A 481 -15.14 -9.49 39.93
CA PRO A 481 -15.45 -10.92 40.12
C PRO A 481 -16.73 -11.12 40.94
N GLU A 482 -17.04 -10.19 41.84
CA GLU A 482 -18.22 -10.32 42.69
C GLU A 482 -19.51 -9.90 41.96
N LEU A 483 -19.35 -9.18 40.85
CA LEU A 483 -20.50 -8.56 40.20
C LEU A 483 -20.77 -9.08 38.79
N CYS A 484 -19.71 -9.51 38.10
CA CYS A 484 -19.85 -9.93 36.71
C CYS A 484 -20.80 -11.12 36.59
N LYS A 485 -21.78 -11.00 35.71
CA LYS A 485 -22.74 -12.08 35.41
C LYS A 485 -22.41 -12.83 34.15
N CYS A 486 -21.39 -12.40 33.42
CA CYS A 486 -21.16 -12.92 32.09
C CYS A 486 -19.98 -13.87 31.93
N TYR A 487 -19.03 -13.84 32.86
CA TYR A 487 -17.90 -14.76 32.73
C TYR A 487 -18.28 -16.26 32.63
N PRO A 488 -19.42 -16.69 33.24
CA PRO A 488 -19.74 -18.12 33.11
C PRO A 488 -20.02 -18.57 31.67
N LEU A 489 -20.31 -17.62 30.80
CA LEU A 489 -20.57 -17.94 29.40
C LEU A 489 -19.31 -18.32 28.66
N CYS A 490 -18.16 -17.92 29.20
CA CYS A 490 -16.89 -18.01 28.48
C CYS A 490 -16.18 -19.34 28.68
N ASP A 491 -15.63 -19.89 27.60
CA ASP A 491 -14.78 -21.08 27.73
C ASP A 491 -13.48 -20.75 28.46
N PHE A 492 -12.96 -19.54 28.23
CA PHE A 492 -11.86 -19.03 29.03
C PHE A 492 -12.07 -17.54 29.19
N ILE A 493 -11.43 -16.94 30.19
CA ILE A 493 -11.73 -15.57 30.54
C ILE A 493 -10.58 -14.65 30.14
N CYS A 494 -10.92 -13.59 29.42
CA CYS A 494 -9.93 -12.59 29.00
C CYS A 494 -10.11 -11.32 29.79
N LEU A 495 -9.04 -10.86 30.42
CA LEU A 495 -9.07 -9.63 31.22
C LEU A 495 -8.20 -8.53 30.60
N ASN A 496 -8.76 -7.32 30.56
CA ASN A 496 -8.01 -6.12 30.20
C ASN A 496 -7.76 -5.40 31.51
N ARG A 497 -6.50 -5.21 31.89
CA ARG A 497 -6.23 -4.55 33.16
C ARG A 497 -5.10 -3.55 33.02
N TYR A 498 -5.24 -2.45 33.76
CA TYR A 498 -4.32 -1.33 33.71
C TYR A 498 -3.89 -0.88 35.11
N TYR A 499 -3.66 -1.86 35.97
CA TYR A 499 -3.04 -1.60 37.26
C TYR A 499 -1.63 -1.12 36.99
N GLY A 500 -1.36 0.12 37.37
CA GLY A 500 -0.08 0.75 37.09
C GLY A 500 -0.16 1.74 35.95
N TRP A 501 -1.34 1.88 35.34
CA TRP A 501 -1.54 2.94 34.35
C TRP A 501 -2.75 3.78 34.77
N TYR A 502 -3.97 3.31 34.51
CA TYR A 502 -5.16 4.06 34.90
C TYR A 502 -5.45 3.95 36.39
N ILE A 503 -4.94 2.90 37.01
CA ILE A 503 -5.11 2.64 38.43
C ILE A 503 -3.76 2.68 39.12
N SER A 504 -3.58 3.63 40.04
CA SER A 504 -2.36 3.70 40.86
C SER A 504 -1.07 3.67 40.04
N GLY A 505 -0.98 4.55 39.06
CA GLY A 505 0.21 4.63 38.24
C GLY A 505 1.36 5.37 38.90
N GLY A 506 2.55 5.20 38.32
CA GLY A 506 3.67 6.04 38.68
C GLY A 506 4.16 5.80 40.09
N PRO A 507 4.15 6.84 40.94
CA PRO A 507 4.64 6.67 42.31
C PRO A 507 3.80 5.65 43.08
N GLU A 508 2.60 5.35 42.60
CA GLU A 508 1.72 4.42 43.29
C GLU A 508 1.78 2.99 42.75
N ILE A 509 2.76 2.69 41.91
CA ILE A 509 2.83 1.39 41.26
C ILE A 509 2.91 0.20 42.21
N GLU A 510 3.48 0.38 43.41
CA GLU A 510 3.47 -0.71 44.39
C GLU A 510 2.05 -0.97 44.90
N GLU A 511 1.28 0.09 45.09
CA GLU A 511 -0.14 -0.05 45.41
C GLU A 511 -0.88 -0.73 44.27
N ALA A 512 -0.54 -0.38 43.03
CA ALA A 512 -1.16 -1.00 41.87
C ALA A 512 -0.97 -2.51 41.89
N GLU A 513 0.24 -2.94 42.20
CA GLU A 513 0.55 -4.37 42.23
C GLU A 513 -0.28 -5.06 43.30
N GLU A 514 -0.40 -4.43 44.47
CA GLU A 514 -1.20 -4.99 45.54
C GLU A 514 -2.66 -5.11 45.14
N LEU A 515 -3.19 -4.07 44.50
CA LEU A 515 -4.58 -4.10 44.06
C LEU A 515 -4.81 -5.19 43.02
N PHE A 516 -3.84 -5.37 42.11
CA PHE A 516 -3.92 -6.37 41.07
C PHE A 516 -3.97 -7.76 41.70
N ARG A 517 -3.05 -8.02 42.62
CA ARG A 517 -3.02 -9.29 43.34
C ARG A 517 -4.29 -9.51 44.13
N ASP A 518 -4.84 -8.46 44.74
CA ASP A 518 -6.09 -8.60 45.45
C ASP A 518 -7.17 -9.08 44.49
N GLU A 519 -7.25 -8.49 43.31
CA GLU A 519 -8.29 -8.92 42.38
C GLU A 519 -8.07 -10.35 41.94
N MET A 520 -6.83 -10.69 41.62
CA MET A 520 -6.55 -12.03 41.13
C MET A 520 -6.77 -13.07 42.22
N ASP A 521 -6.52 -12.71 43.47
CA ASP A 521 -6.81 -13.61 44.59
C ASP A 521 -8.32 -13.86 44.68
N ARG A 522 -9.11 -12.84 44.36
CA ARG A 522 -10.55 -13.00 44.34
C ARG A 522 -11.00 -13.94 43.22
N TRP A 523 -10.40 -13.83 42.04
CA TRP A 523 -10.68 -14.76 40.97
C TRP A 523 -10.25 -16.17 41.36
N LYS A 524 -9.07 -16.29 41.96
CA LYS A 524 -8.55 -17.60 42.36
C LYS A 524 -9.50 -18.28 43.34
N ALA A 525 -10.04 -17.50 44.27
CA ALA A 525 -10.91 -18.02 45.31
C ALA A 525 -12.21 -18.60 44.74
N LYS A 526 -12.61 -18.15 43.56
CA LYS A 526 -13.81 -18.69 42.92
C LYS A 526 -13.60 -20.13 42.43
N GLU A 527 -12.34 -20.52 42.30
CA GLU A 527 -11.99 -21.88 41.84
C GLU A 527 -12.78 -22.27 40.58
N LEU A 528 -12.74 -21.39 39.58
CA LEU A 528 -13.53 -21.61 38.38
C LEU A 528 -12.97 -22.74 37.50
N ASN A 529 -11.69 -23.05 37.70
CA ASN A 529 -11.03 -24.06 36.88
C ASN A 529 -11.09 -23.73 35.38
N VAL A 530 -10.84 -22.47 35.03
CA VAL A 530 -10.74 -22.06 33.64
C VAL A 530 -9.48 -21.23 33.44
N PRO A 531 -8.95 -21.23 32.21
CA PRO A 531 -7.79 -20.38 31.96
C PRO A 531 -8.19 -18.91 31.94
N PHE A 532 -7.28 -18.06 32.40
CA PHE A 532 -7.39 -16.62 32.25
C PHE A 532 -6.28 -16.18 31.30
N VAL A 533 -6.61 -15.28 30.39
CA VAL A 533 -5.64 -14.67 29.51
C VAL A 533 -5.75 -13.17 29.68
N PHE A 534 -4.63 -12.49 29.85
CA PHE A 534 -4.68 -11.04 29.86
C PHE A 534 -4.62 -10.54 28.44
N THR A 535 -5.72 -9.98 27.98
CA THR A 535 -5.80 -9.50 26.60
C THR A 535 -5.38 -8.04 26.45
N GLU A 536 -5.24 -7.33 27.56
CA GLU A 536 -4.67 -5.98 27.52
C GLU A 536 -3.99 -5.65 28.82
N PHE A 537 -2.87 -4.96 28.66
CA PHE A 537 -2.13 -4.30 29.73
C PHE A 537 -1.08 -3.49 28.99
N GLY A 538 -0.80 -2.28 29.48
CA GLY A 538 0.16 -1.42 28.81
C GLY A 538 0.16 -0.02 29.37
N THR A 539 1.07 0.79 28.84
CA THR A 539 1.22 2.17 29.30
C THR A 539 1.48 3.04 28.08
N ASP A 540 0.90 4.24 28.04
CA ASP A 540 1.29 5.12 26.94
C ASP A 540 2.76 5.44 27.12
N THR A 541 3.47 5.40 26.02
CA THR A 541 4.91 5.52 26.05
C THR A 541 5.35 6.31 24.83
N MET A 542 5.90 7.49 25.05
CA MET A 542 6.40 8.30 23.95
C MET A 542 7.79 7.85 23.58
N ALA A 543 7.97 7.36 22.37
CA ALA A 543 9.32 7.04 21.91
C ALA A 543 10.26 8.21 22.17
N GLY A 544 11.39 7.91 22.77
CA GLY A 544 12.38 8.92 23.06
C GLY A 544 12.24 9.63 24.38
N LEU A 545 11.13 9.43 25.10
CA LEU A 545 10.99 10.01 26.43
C LEU A 545 11.69 9.10 27.44
N HIS A 546 12.82 9.57 27.92
CA HIS A 546 13.65 8.83 28.86
C HIS A 546 13.69 9.56 30.19
N LYS A 547 13.61 8.82 31.28
CA LYS A 547 13.72 9.46 32.57
C LYS A 547 14.24 8.49 33.60
N LEU A 548 15.12 9.00 34.45
CA LEU A 548 15.70 8.24 35.53
C LEU A 548 15.60 9.07 36.79
N PRO A 549 14.76 8.66 37.75
CA PRO A 549 13.89 7.48 37.70
C PRO A 549 12.75 7.71 36.72
N SER A 550 12.11 6.62 36.34
CA SER A 550 11.10 6.66 35.30
C SER A 550 9.87 7.48 35.71
N ILE A 551 9.17 7.96 34.70
CA ILE A 551 7.85 8.57 34.88
C ILE A 551 6.86 7.90 33.95
N MET A 552 5.59 7.95 34.31
CA MET A 552 4.57 7.56 33.37
C MET A 552 4.81 8.30 32.06
N TRP A 553 4.69 7.57 30.94
CA TRP A 553 4.91 8.04 29.56
C TRP A 553 6.33 7.76 29.05
N SER A 554 7.26 7.48 29.96
CA SER A 554 8.63 7.19 29.55
C SER A 554 8.81 5.76 29.11
N GLU A 555 9.84 5.53 28.30
CA GLU A 555 10.19 4.18 27.86
C GLU A 555 10.56 3.28 29.03
N GLU A 556 11.19 3.86 30.05
CA GLU A 556 11.61 3.10 31.22
C GLU A 556 10.41 2.67 32.06
N TYR A 557 9.41 3.54 32.19
CA TYR A 557 8.22 3.16 32.93
C TYR A 557 7.47 2.03 32.23
N GLN A 558 7.43 2.04 30.90
CA GLN A 558 6.81 0.95 30.17
C GLN A 558 7.47 -0.38 30.58
N LYS A 559 8.80 -0.42 30.61
CA LYS A 559 9.50 -1.63 31.01
C LYS A 559 9.15 -2.03 32.44
N GLU A 560 9.19 -1.08 33.36
CA GLU A 560 8.93 -1.40 34.76
C GLU A 560 7.50 -1.88 34.99
N TYR A 561 6.56 -1.22 34.32
CA TYR A 561 5.17 -1.63 34.37
C TYR A 561 5.02 -3.07 33.90
N LEU A 562 5.63 -3.37 32.77
CA LEU A 562 5.52 -4.73 32.24
C LEU A 562 6.12 -5.75 33.20
N GLU A 563 7.28 -5.45 33.78
CA GLU A 563 7.91 -6.37 34.71
C GLU A 563 6.99 -6.62 35.91
N MET A 564 6.33 -5.58 36.40
CA MET A 564 5.41 -5.75 37.52
C MET A 564 4.24 -6.65 37.13
N ASN A 565 3.68 -6.42 35.95
CA ASN A 565 2.58 -7.24 35.47
C ASN A 565 2.99 -8.70 35.34
N PHE A 566 4.18 -8.96 34.81
CA PHE A 566 4.66 -10.33 34.69
C PHE A 566 4.73 -11.01 36.05
N ARG A 567 5.19 -10.28 37.06
CA ARG A 567 5.30 -10.89 38.39
C ARG A 567 3.93 -11.33 38.84
N VAL A 568 2.91 -10.51 38.57
CA VAL A 568 1.55 -10.86 38.97
C VAL A 568 1.06 -12.05 38.16
N PHE A 569 1.16 -11.99 36.83
CA PHE A 569 0.73 -13.09 35.96
C PHE A 569 1.31 -14.42 36.44
N ASP A 570 2.62 -14.41 36.71
CA ASP A 570 3.36 -15.62 37.04
C ASP A 570 3.03 -16.15 38.43
N SER A 571 2.24 -15.39 39.18
CA SER A 571 1.83 -15.83 40.51
C SER A 571 0.57 -16.68 40.52
N TYR A 572 -0.07 -16.84 39.36
CA TYR A 572 -1.33 -17.57 39.27
C TYR A 572 -1.23 -18.65 38.22
N GLU A 573 -1.42 -19.88 38.66
CA GLU A 573 -1.30 -21.03 37.77
C GLU A 573 -2.27 -20.94 36.60
N PHE A 574 -3.45 -20.38 36.85
CA PHE A 574 -4.52 -20.39 35.84
C PHE A 574 -4.35 -19.32 34.77
N VAL A 575 -3.37 -18.43 34.93
CA VAL A 575 -3.08 -17.46 33.89
C VAL A 575 -2.30 -18.16 32.80
N GLN A 576 -2.85 -18.19 31.58
CA GLN A 576 -2.27 -18.99 30.51
C GLN A 576 -2.03 -18.19 29.24
N GLY A 577 -2.02 -16.87 29.34
CA GLY A 577 -1.70 -16.08 28.18
C GLY A 577 -1.60 -14.63 28.52
N GLU A 578 -0.82 -13.92 27.71
CA GLU A 578 -0.61 -12.50 27.88
C GLU A 578 -0.50 -11.87 26.50
N LEU A 579 -1.46 -11.01 26.18
CA LEU A 579 -1.43 -10.26 24.94
C LEU A 579 -1.37 -8.80 25.33
N ALA A 580 -0.24 -8.18 25.05
CA ALA A 580 0.00 -6.79 25.43
C ALA A 580 -0.84 -5.83 24.60
N TRP A 581 -1.25 -4.74 25.22
CA TRP A 581 -1.90 -3.65 24.50
C TRP A 581 -0.85 -2.55 24.33
N ASN A 582 -0.46 -2.17 23.11
CA ASN A 582 -0.87 -2.72 21.84
C ASN A 582 0.42 -3.10 21.12
N PHE A 583 0.32 -3.91 20.07
CA PHE A 583 1.45 -4.11 19.18
C PHE A 583 2.12 -2.78 18.75
N ALA A 584 1.32 -1.81 18.32
CA ALA A 584 1.89 -0.58 17.78
C ALA A 584 1.02 0.60 18.13
N ASP A 585 1.64 1.77 18.27
CA ASP A 585 0.91 3.01 18.44
C ASP A 585 -0.10 3.15 17.31
N PHE A 586 -1.29 3.68 17.61
CA PHE A 586 -2.35 3.72 16.63
C PHE A 586 -3.23 4.95 16.79
N GLN A 587 -3.95 5.26 15.75
CA GLN A 587 -4.78 6.47 15.76
C GLN A 587 -6.02 6.40 16.62
N THR A 588 -6.28 7.48 17.34
CA THR A 588 -7.52 7.62 18.09
C THR A 588 -8.16 8.96 17.76
N THR A 589 -9.37 9.16 18.24
CA THR A 589 -9.96 10.48 18.33
C THR A 589 -9.02 11.41 19.09
N GLU A 590 -8.92 12.65 18.63
CA GLU A 590 -8.16 13.69 19.32
C GLU A 590 -8.71 13.92 20.69
N GLY A 591 -7.83 14.27 21.63
CA GLY A 591 -8.30 14.68 22.93
C GLY A 591 -7.18 14.94 23.90
N ILE A 592 -7.55 15.36 25.10
CA ILE A 592 -6.54 15.74 26.08
C ILE A 592 -5.79 14.52 26.63
N MET A 593 -6.27 13.32 26.36
CA MET A 593 -5.59 12.13 26.88
C MET A 593 -4.87 11.32 25.81
N ARG A 594 -4.84 11.84 24.60
CA ARG A 594 -4.26 11.09 23.48
C ARG A 594 -3.31 11.99 22.71
N VAL A 595 -2.02 11.72 22.81
CA VAL A 595 -0.99 12.54 22.20
C VAL A 595 -0.68 11.98 20.82
N ASP A 596 -1.42 12.42 19.81
CA ASP A 596 -1.39 11.79 18.49
C ASP A 596 -1.64 10.30 18.62
N GLY A 597 -2.88 9.99 18.96
CA GLY A 597 -3.34 8.62 19.08
C GLY A 597 -2.90 7.98 20.38
N ASN A 598 -2.99 6.66 20.39
CA ASN A 598 -2.69 5.85 21.55
C ASN A 598 -1.23 5.42 21.45
N HIS A 599 -0.48 5.69 22.51
CA HIS A 599 0.94 5.38 22.53
C HIS A 599 1.30 4.18 23.37
N LYS A 600 0.34 3.28 23.58
CA LYS A 600 0.64 2.05 24.31
C LYS A 600 1.32 1.01 23.46
N GLY A 601 1.65 1.37 22.22
CA GLY A 601 2.40 0.45 21.39
C GLY A 601 3.72 0.02 22.00
N VAL A 602 4.06 -1.23 21.76
CA VAL A 602 5.37 -1.73 22.05
C VAL A 602 6.30 -1.34 20.90
N PHE A 603 5.70 -1.23 19.71
CA PHE A 603 6.34 -0.64 18.54
C PHE A 603 5.70 0.70 18.23
N THR A 604 6.43 1.55 17.55
CA THR A 604 5.89 2.80 17.04
C THR A 604 4.93 2.51 15.88
N ARG A 605 4.26 3.54 15.41
CA ARG A 605 3.27 3.33 14.37
C ARG A 605 3.93 2.88 13.07
N ASP A 606 5.17 3.31 12.86
CA ASP A 606 5.93 2.83 11.71
C ASP A 606 6.73 1.57 12.00
N ARG A 607 6.37 0.88 13.08
CA ARG A 607 6.77 -0.50 13.33
C ARG A 607 8.24 -0.62 13.76
N GLN A 608 8.66 0.24 14.66
CA GLN A 608 10.01 0.18 15.24
C GLN A 608 9.93 0.01 16.75
N PRO A 609 10.86 -0.74 17.33
CA PRO A 609 10.68 -1.14 18.72
C PRO A 609 11.05 -0.07 19.75
N LYS A 610 10.17 0.14 20.72
CA LYS A 610 10.56 0.89 21.90
C LYS A 610 11.39 -0.03 22.80
N ALA A 611 11.93 0.49 23.90
CA ALA A 611 12.75 -0.32 24.78
C ALA A 611 12.02 -1.58 25.27
N ALA A 612 10.71 -1.46 25.48
CA ALA A 612 9.93 -2.57 26.01
C ALA A 612 9.85 -3.77 25.08
N ALA A 613 10.07 -3.56 23.78
CA ALA A 613 9.95 -4.68 22.85
C ALA A 613 10.94 -5.79 23.18
N VAL A 614 12.14 -5.41 23.61
CA VAL A 614 13.17 -6.38 23.99
C VAL A 614 12.77 -7.17 25.22
N VAL A 615 12.04 -6.51 26.13
CA VAL A 615 11.59 -7.17 27.34
C VAL A 615 10.68 -8.35 26.98
N PHE A 616 9.75 -8.11 26.06
CA PHE A 616 8.89 -9.18 25.59
C PHE A 616 9.70 -10.26 24.88
N LYS A 617 10.60 -9.83 23.99
CA LYS A 617 11.40 -10.77 23.24
C LYS A 617 12.14 -11.75 24.16
N ASP A 618 12.80 -11.20 25.18
CA ASP A 618 13.56 -12.03 26.11
C ASP A 618 12.67 -12.93 26.95
N ARG A 619 11.52 -12.43 27.38
CA ARG A 619 10.63 -13.22 28.21
C ARG A 619 9.99 -14.35 27.40
N TRP A 620 9.56 -14.03 26.18
CA TRP A 620 8.83 -14.98 25.36
C TRP A 620 9.73 -16.00 24.66
N GLU A 621 11.02 -15.73 24.63
CA GLU A 621 11.96 -16.71 24.05
C GLU A 621 11.88 -18.07 24.76
N LEU B 26 11.76 -0.12 -29.72
CA LEU B 26 11.57 -1.16 -28.71
C LEU B 26 10.82 -2.35 -29.30
N GLU B 27 11.18 -3.55 -28.86
CA GLU B 27 10.53 -4.77 -29.33
C GLU B 27 9.35 -5.16 -28.44
N TYR B 28 8.71 -4.15 -27.87
CA TYR B 28 7.54 -4.33 -27.02
C TYR B 28 6.87 -2.97 -26.91
N SER B 29 5.68 -2.95 -26.34
CA SER B 29 4.93 -1.72 -26.16
C SER B 29 5.10 -1.20 -24.75
N GLU B 30 5.27 0.12 -24.61
CA GLU B 30 5.27 0.77 -23.30
C GLU B 30 3.85 1.18 -22.86
N LEU B 31 2.86 0.98 -23.71
CA LEU B 31 1.52 1.51 -23.42
C LEU B 31 0.94 0.93 -22.13
N TYR B 32 0.36 1.80 -21.30
CA TYR B 32 -0.26 1.34 -20.07
C TYR B 32 -1.38 0.36 -20.38
N PRO B 33 -1.50 -0.73 -19.59
CA PRO B 33 -2.50 -1.74 -19.96
C PRO B 33 -3.93 -1.29 -19.68
N ILE B 34 -4.84 -1.68 -20.57
CA ILE B 34 -6.25 -1.41 -20.39
C ILE B 34 -7.08 -2.68 -20.57
N GLN B 35 -8.34 -2.59 -20.16
CA GLN B 35 -9.28 -3.70 -20.27
C GLN B 35 -10.43 -3.28 -21.15
N ASN B 36 -10.59 -3.95 -22.28
CA ASN B 36 -11.73 -3.72 -23.15
C ASN B 36 -12.04 -4.97 -23.95
N GLU B 37 -12.80 -4.82 -25.03
CA GLU B 37 -13.19 -6.00 -25.79
C GLU B 37 -12.00 -6.75 -26.40
N TYR B 38 -10.89 -6.05 -26.58
CA TYR B 38 -9.76 -6.59 -27.35
C TYR B 38 -8.56 -6.90 -26.47
N ARG B 39 -8.48 -6.22 -25.34
CA ARG B 39 -7.33 -6.30 -24.45
C ARG B 39 -7.79 -6.69 -23.07
N MET B 40 -7.05 -7.59 -22.44
CA MET B 40 -7.41 -8.07 -21.11
C MET B 40 -6.22 -7.90 -20.18
N MET B 41 -6.49 -7.82 -18.89
CA MET B 41 -5.43 -7.68 -17.91
C MET B 41 -5.86 -8.30 -16.59
N GLN B 42 -4.89 -8.87 -15.89
CA GLN B 42 -5.11 -9.52 -14.62
C GLN B 42 -3.95 -9.15 -13.72
N SER B 43 -4.22 -8.63 -12.54
CA SER B 43 -3.16 -8.22 -11.64
C SER B 43 -2.50 -9.44 -11.01
N LEU B 44 -1.17 -9.40 -10.93
CA LEU B 44 -0.42 -10.43 -10.22
C LEU B 44 0.07 -9.92 -8.86
N ASP B 45 -0.39 -8.75 -8.46
CA ASP B 45 0.00 -8.21 -7.15
C ASP B 45 -0.45 -9.13 -6.02
N GLY B 46 0.27 -9.10 -4.92
CA GLY B 46 -0.09 -9.90 -3.77
C GLY B 46 1.16 -10.40 -3.08
N MET B 47 1.06 -11.53 -2.40
CA MET B 47 2.21 -12.14 -1.75
C MET B 47 2.86 -13.10 -2.71
N TRP B 48 4.09 -12.80 -3.07
CA TRP B 48 4.86 -13.69 -3.92
C TRP B 48 5.79 -14.54 -3.06
N LYS B 49 6.38 -15.55 -3.67
CA LYS B 49 7.46 -16.30 -3.04
C LYS B 49 8.77 -15.59 -3.38
N PHE B 50 9.73 -15.67 -2.47
CA PHE B 50 10.95 -14.85 -2.58
C PHE B 50 12.09 -15.62 -1.94
N GLN B 51 13.26 -15.59 -2.55
CA GLN B 51 14.42 -16.24 -1.94
C GLN B 51 15.71 -15.54 -2.30
N PHE B 52 16.53 -15.24 -1.31
CA PHE B 52 17.85 -14.69 -1.57
C PHE B 52 18.76 -15.77 -2.15
N ASP B 53 19.69 -15.37 -3.01
CA ASP B 53 20.61 -16.32 -3.63
C ASP B 53 22.06 -15.84 -3.48
N PRO B 54 22.56 -15.82 -2.24
CA PRO B 54 23.91 -15.31 -1.98
C PRO B 54 25.01 -16.13 -2.64
N GLU B 55 24.77 -17.42 -2.85
CA GLU B 55 25.79 -18.27 -3.45
C GLU B 55 25.69 -18.32 -4.97
N GLU B 56 24.69 -17.64 -5.50
CA GLU B 56 24.48 -17.56 -6.95
C GLU B 56 24.36 -18.93 -7.60
N ILE B 57 23.45 -19.72 -7.03
CA ILE B 57 23.25 -21.08 -7.46
C ILE B 57 21.88 -21.33 -8.08
N GLY B 58 21.03 -20.31 -8.12
CA GLY B 58 19.65 -20.54 -8.55
C GLY B 58 19.47 -21.19 -9.91
N LYS B 59 20.12 -20.65 -10.93
CA LYS B 59 19.87 -21.14 -12.28
C LYS B 59 20.39 -22.56 -12.46
N LYS B 60 21.59 -22.85 -11.94
CA LYS B 60 22.13 -24.20 -12.09
C LYS B 60 21.37 -25.19 -11.20
N SER B 61 20.62 -24.67 -10.24
CA SER B 61 19.84 -25.50 -9.34
C SER B 61 18.36 -25.59 -9.73
N GLY B 62 18.01 -24.99 -10.87
CA GLY B 62 16.65 -25.08 -11.39
C GLY B 62 15.61 -24.20 -10.70
N TRP B 63 16.05 -23.12 -10.06
CA TRP B 63 15.10 -22.26 -9.36
C TRP B 63 14.10 -21.63 -10.31
N GLU B 64 14.40 -21.58 -11.60
CA GLU B 64 13.43 -21.01 -12.55
C GLU B 64 12.18 -21.89 -12.66
N ASN B 65 12.24 -23.10 -12.10
CA ASN B 65 11.08 -24.00 -12.05
C ASN B 65 10.38 -23.93 -10.70
N GLY B 66 10.88 -23.08 -9.81
CA GLY B 66 10.31 -22.93 -8.49
C GLY B 66 11.38 -22.77 -7.44
N LEU B 67 11.18 -21.85 -6.51
CA LEU B 67 12.14 -21.61 -5.46
C LEU B 67 12.10 -22.71 -4.40
N PRO B 68 13.26 -23.18 -3.94
CA PRO B 68 13.24 -24.36 -3.07
C PRO B 68 12.88 -24.06 -1.60
N ALA B 69 13.16 -22.86 -1.13
CA ALA B 69 12.89 -22.53 0.27
C ALA B 69 12.52 -21.05 0.43
N PRO B 70 11.40 -20.67 -0.18
CA PRO B 70 11.06 -19.25 -0.24
C PRO B 70 10.43 -18.73 1.04
N VAL B 71 10.42 -17.41 1.17
CA VAL B 71 9.60 -16.74 2.15
C VAL B 71 8.59 -15.93 1.35
N SER B 72 7.59 -15.38 2.03
CA SER B 72 6.60 -14.54 1.35
C SER B 72 7.07 -13.11 1.23
N MET B 73 6.77 -12.49 0.09
CA MET B 73 7.19 -11.11 -0.16
C MET B 73 6.07 -10.33 -0.85
N PRO B 74 5.62 -9.23 -0.24
CA PRO B 74 4.61 -8.42 -0.90
C PRO B 74 5.09 -7.82 -2.22
N VAL B 75 4.19 -7.78 -3.18
CA VAL B 75 4.40 -7.07 -4.45
C VAL B 75 3.15 -6.25 -4.72
N PRO B 76 3.30 -4.95 -4.96
CA PRO B 76 4.54 -4.18 -5.06
C PRO B 76 5.10 -3.77 -3.72
N SER B 77 6.42 -3.77 -3.60
CA SER B 77 7.13 -3.25 -2.47
C SER B 77 8.61 -3.36 -2.71
N SER B 78 9.37 -2.58 -2.00
CA SER B 78 10.82 -2.85 -1.87
C SER B 78 10.94 -3.92 -0.79
N PHE B 79 11.91 -4.82 -0.93
CA PHE B 79 12.00 -5.90 0.07
C PHE B 79 12.64 -5.47 1.38
N ALA B 80 13.47 -4.43 1.37
CA ALA B 80 14.43 -4.24 2.45
C ALA B 80 13.84 -4.06 3.84
N ASP B 81 12.81 -3.24 3.96
CA ASP B 81 12.42 -2.78 5.30
C ASP B 81 11.45 -3.70 6.03
N PHE B 82 11.12 -4.84 5.43
CA PHE B 82 10.28 -5.82 6.11
C PHE B 82 11.04 -6.55 7.19
N PHE B 83 12.30 -6.85 6.92
CA PHE B 83 13.07 -7.77 7.74
C PHE B 83 13.51 -7.13 9.04
N THR B 84 13.85 -7.96 10.01
CA THR B 84 14.31 -7.46 11.30
C THR B 84 15.82 -7.62 11.50
N ASP B 85 16.52 -8.18 10.51
CA ASP B 85 17.97 -8.40 10.60
C ASP B 85 18.69 -7.61 9.52
N HIS B 86 19.92 -7.17 9.85
CA HIS B 86 20.69 -6.33 8.94
C HIS B 86 21.00 -7.00 7.61
N LYS B 87 21.38 -8.27 7.65
CA LYS B 87 21.87 -8.91 6.44
C LYS B 87 20.79 -9.03 5.38
N GLU B 88 19.53 -9.23 5.79
CA GLU B 88 18.44 -9.27 4.83
C GLU B 88 18.10 -7.87 4.32
N ARG B 89 18.05 -6.89 5.21
CA ARG B 89 17.79 -5.51 4.79
C ARG B 89 18.81 -5.05 3.77
N ASP B 90 20.08 -5.34 4.04
CA ASP B 90 21.20 -4.84 3.27
C ASP B 90 21.61 -5.77 2.15
N TYR B 91 20.80 -6.79 1.88
CA TYR B 91 21.19 -7.80 0.91
C TYR B 91 21.52 -7.19 -0.45
N CYS B 92 22.65 -7.62 -1.02
CA CYS B 92 23.05 -7.14 -2.33
C CYS B 92 23.52 -8.34 -3.13
N GLY B 93 23.01 -8.48 -4.34
CA GLY B 93 23.32 -9.61 -5.20
C GLY B 93 22.08 -10.11 -5.91
N ASP B 94 22.04 -11.41 -6.16
CA ASP B 94 20.93 -12.07 -6.84
C ASP B 94 19.87 -12.50 -5.85
N PHE B 95 18.61 -12.32 -6.23
CA PHE B 95 17.49 -12.77 -5.42
C PHE B 95 16.33 -13.04 -6.36
N TRP B 96 15.40 -13.88 -5.94
CA TRP B 96 14.41 -14.43 -6.85
C TRP B 96 13.01 -14.23 -6.33
N TYR B 97 12.07 -14.05 -7.25
CA TYR B 97 10.65 -13.95 -6.95
C TYR B 97 9.93 -15.00 -7.76
N GLU B 98 8.80 -15.48 -7.23
CA GLU B 98 7.98 -16.45 -7.92
C GLU B 98 6.51 -16.26 -7.57
N THR B 99 5.64 -16.41 -8.55
CA THR B 99 4.23 -16.54 -8.24
C THR B 99 3.56 -17.44 -9.27
N GLU B 100 2.31 -17.76 -9.03
CA GLU B 100 1.53 -18.57 -9.96
C GLU B 100 0.23 -17.82 -10.22
N PHE B 101 -0.34 -18.04 -11.39
CA PHE B 101 -1.58 -17.37 -11.75
C PHE B 101 -2.34 -18.28 -12.68
N TYR B 102 -3.67 -18.22 -12.58
CA TYR B 102 -4.52 -18.94 -13.51
C TYR B 102 -4.78 -18.04 -14.72
N LEU B 103 -4.53 -18.57 -15.89
CA LEU B 103 -4.76 -17.84 -17.13
C LEU B 103 -6.11 -18.24 -17.72
N PRO B 104 -7.01 -17.26 -17.89
CA PRO B 104 -8.32 -17.59 -18.46
C PRO B 104 -8.21 -18.29 -19.81
N ALA B 105 -9.02 -19.33 -20.01
CA ALA B 105 -9.00 -20.06 -21.27
C ALA B 105 -9.29 -19.13 -22.44
N GLU B 106 -10.11 -18.11 -22.19
CA GLU B 106 -10.53 -17.19 -23.25
C GLU B 106 -9.39 -16.31 -23.79
N TRP B 107 -8.21 -16.39 -23.18
CA TRP B 107 -7.06 -15.63 -23.65
C TRP B 107 -6.26 -16.41 -24.72
N ARG B 108 -6.75 -17.60 -25.05
CA ARG B 108 -6.05 -18.50 -25.96
C ARG B 108 -5.51 -17.78 -27.18
N ASN B 109 -6.42 -17.17 -27.94
CA ASN B 109 -6.05 -16.49 -29.18
C ASN B 109 -5.56 -15.06 -28.99
N LYS B 110 -4.68 -14.85 -28.02
CA LYS B 110 -4.11 -13.53 -27.81
C LYS B 110 -2.59 -13.59 -27.69
N LYS B 111 -1.95 -12.45 -27.90
CA LYS B 111 -0.56 -12.28 -27.49
C LYS B 111 -0.56 -12.02 -26.00
N ILE B 112 0.14 -12.86 -25.25
CA ILE B 112 0.09 -12.80 -23.80
C ILE B 112 1.42 -12.31 -23.26
N TRP B 113 1.38 -11.28 -22.43
CA TRP B 113 2.59 -10.65 -21.93
C TRP B 113 2.55 -10.53 -20.41
N LEU B 114 3.69 -10.74 -19.77
CA LEU B 114 3.88 -10.27 -18.40
C LEU B 114 4.35 -8.83 -18.47
N ARG B 115 3.72 -7.96 -17.69
CA ARG B 115 4.13 -6.57 -17.64
C ARG B 115 4.49 -6.19 -16.24
N PHE B 116 5.77 -5.96 -16.01
CA PHE B 116 6.23 -5.49 -14.72
C PHE B 116 6.35 -3.98 -14.77
N GLY B 117 5.77 -3.26 -13.82
CA GLY B 117 5.98 -1.83 -13.77
C GLY B 117 7.45 -1.50 -13.72
N SER B 118 8.20 -2.32 -12.99
CA SER B 118 9.65 -2.24 -12.98
C SER B 118 10.19 -3.51 -12.35
N ILE B 119 11.48 -3.73 -12.54
CA ILE B 119 12.23 -4.81 -11.91
C ILE B 119 13.55 -4.18 -11.51
N THR B 120 13.80 -4.07 -10.21
CA THR B 120 14.89 -3.21 -9.75
C THR B 120 16.06 -4.03 -9.21
N HIS B 121 17.25 -3.97 -9.81
CA HIS B 121 17.64 -3.07 -10.91
C HIS B 121 17.68 -3.73 -12.27
N ARG B 122 17.87 -5.04 -12.28
CA ARG B 122 18.00 -5.77 -13.53
C ARG B 122 17.53 -7.18 -13.24
N GLY B 123 17.04 -7.86 -14.27
CA GLY B 123 16.52 -9.20 -14.05
C GLY B 123 16.23 -9.97 -15.30
N THR B 124 15.96 -11.25 -15.08
CA THR B 124 15.57 -12.16 -16.15
C THR B 124 14.24 -12.79 -15.74
N VAL B 125 13.29 -12.75 -16.66
CA VAL B 125 11.96 -13.26 -16.43
C VAL B 125 11.80 -14.64 -17.05
N TYR B 126 11.31 -15.58 -16.25
CA TYR B 126 11.00 -16.94 -16.66
C TYR B 126 9.51 -17.15 -16.51
N CYS B 127 8.95 -17.95 -17.41
CA CYS B 127 7.56 -18.35 -17.30
C CYS B 127 7.44 -19.81 -17.66
N ASN B 128 6.81 -20.58 -16.79
CA ASN B 128 6.68 -22.02 -16.98
C ASN B 128 8.03 -22.67 -17.27
N GLY B 129 9.05 -22.18 -16.56
CA GLY B 129 10.38 -22.74 -16.63
C GLY B 129 11.23 -22.26 -17.79
N MET B 130 10.67 -21.41 -18.64
CA MET B 130 11.36 -20.95 -19.85
C MET B 130 11.83 -19.50 -19.73
N GLU B 131 13.04 -19.25 -20.16
CA GLU B 131 13.58 -17.89 -20.15
C GLU B 131 12.86 -17.05 -21.19
N ILE B 132 12.37 -15.89 -20.78
CA ILE B 132 11.56 -15.06 -21.67
C ILE B 132 12.31 -13.80 -22.11
N THR B 133 12.77 -13.02 -21.15
CA THR B 133 13.49 -11.78 -21.49
C THR B 133 14.32 -11.33 -20.30
N SER B 134 15.25 -10.42 -20.56
CA SER B 134 16.01 -9.78 -19.50
C SER B 134 15.93 -8.28 -19.68
N HIS B 135 16.18 -7.55 -18.60
CA HIS B 135 16.12 -6.10 -18.67
C HIS B 135 17.13 -5.49 -17.71
N GLU B 136 17.75 -4.40 -18.16
CA GLU B 136 18.65 -3.59 -17.36
C GLU B 136 18.00 -2.24 -17.17
N GLY B 137 17.84 -1.84 -15.90
CA GLY B 137 17.25 -0.55 -15.57
C GLY B 137 16.06 -0.77 -14.66
N GLY B 138 16.07 -0.15 -13.49
CA GLY B 138 15.17 -0.56 -12.44
C GLY B 138 13.93 0.27 -12.23
N PHE B 139 13.63 1.18 -13.16
CA PHE B 139 12.60 2.18 -12.93
C PHE B 139 11.65 2.38 -14.10
N LEU B 140 11.66 1.42 -15.03
CA LEU B 140 10.80 1.47 -16.22
C LEU B 140 10.25 0.07 -16.53
N PRO B 141 9.14 0.02 -17.28
CA PRO B 141 8.46 -1.27 -17.46
C PRO B 141 9.30 -2.35 -18.11
N VAL B 142 9.07 -3.59 -17.69
CA VAL B 142 9.66 -4.75 -18.33
C VAL B 142 8.53 -5.58 -18.92
N LEU B 143 8.59 -5.82 -20.22
CA LEU B 143 7.58 -6.57 -20.94
C LEU B 143 8.15 -7.89 -21.39
N ALA B 144 7.48 -8.98 -21.05
CA ALA B 144 7.94 -10.32 -21.38
C ALA B 144 6.84 -11.04 -22.15
N ASP B 145 7.11 -11.39 -23.39
CA ASP B 145 6.12 -12.04 -24.23
C ASP B 145 6.09 -13.53 -23.92
N ILE B 146 5.04 -13.98 -23.24
CA ILE B 146 4.93 -15.38 -22.86
C ILE B 146 3.96 -16.15 -23.77
N SER B 147 3.64 -15.57 -24.92
CA SER B 147 2.69 -16.20 -25.84
C SER B 147 3.02 -17.66 -26.15
N THR B 148 4.30 -17.95 -26.36
CA THR B 148 4.70 -19.30 -26.80
C THR B 148 4.76 -20.33 -25.67
N VAL B 149 4.72 -19.89 -24.41
CA VAL B 149 4.80 -20.82 -23.30
C VAL B 149 3.57 -20.77 -22.41
N ALA B 150 2.73 -19.75 -22.60
CA ALA B 150 1.52 -19.59 -21.81
C ALA B 150 0.60 -20.78 -21.95
N LYS B 151 -0.07 -21.15 -20.86
CA LYS B 151 -1.03 -22.24 -20.87
C LYS B 151 -2.41 -21.72 -20.48
N PRO B 152 -3.19 -21.30 -21.48
CA PRO B 152 -4.54 -20.80 -21.16
C PRO B 152 -5.39 -21.90 -20.53
N GLY B 153 -6.18 -21.54 -19.53
CA GLY B 153 -7.04 -22.51 -18.87
C GLY B 153 -6.29 -23.39 -17.90
N GLN B 154 -5.10 -22.93 -17.50
CA GLN B 154 -4.28 -23.66 -16.55
C GLN B 154 -3.57 -22.70 -15.60
N VAL B 155 -3.04 -23.23 -14.51
CA VAL B 155 -2.16 -22.46 -13.67
C VAL B 155 -0.81 -22.33 -14.37
N ASN B 156 -0.28 -21.11 -14.34
CA ASN B 156 1.02 -20.79 -14.93
C ASN B 156 1.94 -20.27 -13.85
N GLN B 157 3.24 -20.31 -14.14
CA GLN B 157 4.23 -19.89 -13.17
C GLN B 157 5.11 -18.80 -13.74
N VAL B 158 5.42 -17.81 -12.90
CA VAL B 158 6.44 -16.83 -13.24
C VAL B 158 7.52 -16.85 -12.17
N VAL B 159 8.77 -16.85 -12.62
CA VAL B 159 9.90 -16.73 -11.73
C VAL B 159 10.80 -15.64 -12.29
N VAL B 160 11.30 -14.79 -11.41
CA VAL B 160 12.17 -13.70 -11.82
C VAL B 160 13.47 -13.74 -11.03
N LYS B 161 14.59 -13.76 -11.74
CA LYS B 161 15.89 -13.59 -11.11
C LYS B 161 16.19 -12.10 -11.18
N ILE B 162 16.46 -11.48 -10.02
CA ILE B 162 16.74 -10.06 -9.95
C ILE B 162 18.12 -9.84 -9.33
N ASN B 163 18.76 -8.74 -9.71
CA ASN B 163 20.03 -8.38 -9.11
C ASN B 163 19.98 -6.89 -8.81
N ASN B 164 20.51 -6.51 -7.65
CA ASN B 164 20.45 -5.11 -7.22
C ASN B 164 21.84 -4.50 -7.00
N GLU B 165 22.87 -5.07 -7.61
CA GLU B 165 24.20 -4.49 -7.47
C GLU B 165 24.29 -3.17 -8.20
N LEU B 166 25.28 -2.36 -7.83
CA LEU B 166 25.52 -1.09 -8.49
C LEU B 166 26.87 -1.14 -9.17
N ASN B 167 26.94 -0.55 -10.36
CA ASN B 167 28.18 -0.52 -11.12
C ASN B 167 28.28 0.78 -11.89
N GLU B 168 29.29 0.88 -12.75
CA GLU B 168 29.52 2.11 -13.49
C GLU B 168 29.17 1.97 -14.97
N THR B 169 28.41 0.94 -15.31
CA THR B 169 27.99 0.74 -16.69
C THR B 169 26.47 0.72 -16.84
N SER B 170 25.75 1.02 -15.77
CA SER B 170 24.29 1.04 -15.77
C SER B 170 23.85 2.07 -14.75
N LEU B 171 22.58 2.47 -14.82
CA LEU B 171 22.04 3.54 -13.99
C LEU B 171 21.11 3.00 -12.92
N PRO B 172 21.14 3.57 -11.71
CA PRO B 172 22.03 4.64 -11.26
C PRO B 172 23.38 4.04 -10.86
N CYS B 173 24.42 4.87 -10.81
CA CYS B 173 25.77 4.34 -10.66
C CYS B 173 26.25 4.15 -9.23
N GLY B 174 27.11 3.17 -9.05
CA GLY B 174 27.72 2.96 -7.76
C GLY B 174 28.71 1.82 -7.86
N ALA B 175 29.04 1.27 -6.71
CA ALA B 175 29.94 0.15 -6.63
C ALA B 175 29.33 -0.94 -5.77
N THR B 176 29.97 -2.11 -5.81
CA THR B 176 29.55 -3.22 -4.98
C THR B 176 30.79 -3.68 -4.23
N LYS B 177 30.73 -3.62 -2.91
CA LYS B 177 31.86 -3.99 -2.07
C LYS B 177 31.67 -5.43 -1.59
N ILE B 178 32.75 -6.20 -1.61
CA ILE B 178 32.68 -7.55 -1.08
C ILE B 178 33.34 -7.55 0.30
N LEU B 179 32.54 -7.87 1.31
CA LEU B 179 33.02 -7.90 2.68
C LEU B 179 33.84 -9.16 2.89
N ASN B 180 34.61 -9.21 3.97
CA ASN B 180 35.54 -10.31 4.20
C ASN B 180 34.93 -11.70 4.07
N ASN B 181 33.66 -11.83 4.45
CA ASN B 181 32.97 -13.10 4.41
C ASN B 181 32.40 -13.46 3.05
N GLY B 182 32.57 -12.57 2.07
CA GLY B 182 32.04 -12.79 0.74
C GLY B 182 30.72 -12.09 0.53
N ARG B 183 30.18 -11.53 1.61
CA ARG B 183 28.89 -10.83 1.55
C ARG B 183 29.03 -9.54 0.75
N LYS B 184 28.10 -9.30 -0.16
CA LYS B 184 28.11 -8.08 -0.95
C LYS B 184 27.39 -6.94 -0.25
N LEU B 185 27.85 -5.73 -0.51
CA LEU B 185 27.23 -4.54 0.02
C LEU B 185 27.19 -3.50 -1.07
N ALA B 186 26.02 -2.94 -1.32
CA ALA B 186 25.89 -1.89 -2.33
C ALA B 186 26.50 -0.59 -1.80
N LYS B 187 27.28 0.08 -2.65
CA LYS B 187 27.88 1.37 -2.29
C LYS B 187 27.47 2.41 -3.33
N PRO B 188 26.32 3.07 -3.10
CA PRO B 188 25.83 4.03 -4.10
C PRO B 188 26.75 5.21 -4.29
N TYR B 189 26.73 5.79 -5.48
CA TYR B 189 27.32 7.10 -5.69
C TYR B 189 26.22 8.17 -5.60
N PHE B 190 25.06 7.78 -5.04
CA PHE B 190 23.90 8.66 -5.00
C PHE B 190 23.33 8.64 -3.58
N ASP B 191 22.61 9.70 -3.23
CA ASP B 191 22.13 9.91 -1.86
C ASP B 191 20.71 9.38 -1.68
N PHE B 192 20.48 8.11 -2.03
CA PHE B 192 19.23 7.46 -1.68
C PHE B 192 19.49 5.98 -1.44
N PHE B 193 18.69 5.39 -0.58
CA PHE B 193 18.88 4.00 -0.20
C PHE B 193 18.68 3.09 -1.41
N ASN B 194 19.50 2.06 -1.51
CA ASN B 194 19.39 1.13 -2.63
C ASN B 194 18.23 0.14 -2.49
N TYR B 195 17.01 0.67 -2.43
CA TYR B 195 15.81 -0.17 -2.45
C TYR B 195 15.72 -0.93 -3.77
N SER B 196 15.19 -2.14 -3.71
CA SER B 196 15.10 -2.97 -4.89
C SER B 196 14.05 -4.06 -4.71
N GLY B 197 13.86 -4.83 -5.77
CA GLY B 197 12.82 -5.84 -5.80
C GLY B 197 11.77 -5.54 -6.85
N LEU B 198 10.54 -5.97 -6.60
CA LEU B 198 9.39 -5.70 -7.47
C LEU B 198 8.57 -4.60 -6.84
N GLN B 199 8.95 -3.37 -7.17
CA GLN B 199 8.46 -2.18 -6.48
C GLN B 199 7.18 -1.59 -7.06
N ARG B 200 6.75 -2.13 -8.19
CA ARG B 200 5.55 -1.67 -8.87
C ARG B 200 4.67 -2.84 -9.25
N SER B 201 3.43 -2.55 -9.61
CA SER B 201 2.48 -3.62 -9.90
C SER B 201 2.92 -4.47 -11.07
N VAL B 202 2.47 -5.71 -11.05
CA VAL B 202 2.75 -6.66 -12.11
C VAL B 202 1.42 -7.14 -12.66
N TRP B 203 1.32 -7.15 -13.99
CA TRP B 203 0.12 -7.61 -14.67
C TRP B 203 0.47 -8.73 -15.61
N VAL B 204 -0.49 -9.61 -15.87
CA VAL B 204 -0.42 -10.43 -17.07
C VAL B 204 -1.53 -9.91 -17.97
N ILE B 205 -1.22 -9.73 -19.25
CA ILE B 205 -2.15 -9.07 -20.14
C ILE B 205 -2.27 -9.86 -21.43
N ALA B 206 -3.38 -9.65 -22.14
CA ALA B 206 -3.62 -10.27 -23.43
C ALA B 206 -3.95 -9.19 -24.45
N LEU B 207 -3.24 -9.22 -25.57
CA LEU B 207 -3.42 -8.28 -26.66
C LEU B 207 -3.86 -8.99 -27.92
N PRO B 208 -4.58 -8.27 -28.79
CA PRO B 208 -4.88 -8.84 -30.10
C PRO B 208 -3.59 -9.12 -30.86
N GLU B 209 -3.66 -10.05 -31.80
CA GLU B 209 -2.50 -10.40 -32.57
C GLU B 209 -1.97 -9.23 -33.42
N GLU B 210 -2.86 -8.41 -33.88
CA GLU B 210 -2.49 -7.13 -34.47
C GLU B 210 -2.92 -6.02 -33.53
N SER B 211 -1.95 -5.27 -32.99
CA SER B 211 -2.26 -4.31 -31.93
C SER B 211 -1.56 -2.97 -32.08
N VAL B 212 -2.12 -1.98 -31.39
CA VAL B 212 -1.48 -0.68 -31.26
C VAL B 212 -0.29 -0.82 -30.30
N LYS B 213 0.90 -0.56 -30.80
CA LYS B 213 2.13 -0.74 -30.04
C LYS B 213 2.61 0.57 -29.44
N ASP B 214 2.45 1.65 -30.19
CA ASP B 214 2.87 2.97 -29.72
C ASP B 214 2.05 4.02 -30.44
N TYR B 215 1.94 5.20 -29.85
CA TYR B 215 1.47 6.37 -30.59
C TYR B 215 2.11 7.59 -29.96
N SER B 216 2.08 8.70 -30.69
CA SER B 216 2.63 9.96 -30.20
C SER B 216 1.70 11.09 -30.59
N VAL B 217 1.51 12.03 -29.67
CA VAL B 217 0.77 13.24 -30.00
C VAL B 217 1.65 14.47 -29.80
N ASP B 218 1.34 15.50 -30.57
CA ASP B 218 2.01 16.79 -30.48
C ASP B 218 0.95 17.85 -30.81
N TYR B 219 1.06 19.00 -30.19
CA TYR B 219 -0.03 19.98 -30.22
C TYR B 219 0.37 21.32 -30.86
N GLU B 220 -0.59 21.94 -31.53
CA GLU B 220 -0.42 23.29 -32.04
C GLU B 220 -1.68 24.08 -31.70
N LEU B 221 -1.48 25.31 -31.22
CA LEU B 221 -2.61 26.15 -30.86
C LEU B 221 -2.91 27.12 -31.99
N CYS B 222 -4.18 27.19 -32.38
CA CYS B 222 -4.59 28.05 -33.49
C CYS B 222 -5.77 28.90 -33.04
N GLY B 223 -5.48 29.91 -32.23
CA GLY B 223 -6.52 30.75 -31.67
C GLY B 223 -7.37 29.98 -30.68
N THR B 224 -8.66 29.89 -30.97
CA THR B 224 -9.59 29.14 -30.12
C THR B 224 -9.50 27.64 -30.42
N ASP B 225 -8.85 27.30 -31.52
CA ASP B 225 -8.78 25.90 -31.95
C ASP B 225 -7.42 25.29 -31.66
N ALA B 226 -7.34 23.98 -31.79
CA ALA B 226 -6.08 23.27 -31.61
C ALA B 226 -5.94 22.14 -32.61
N LEU B 227 -4.69 21.80 -32.92
CA LEU B 227 -4.39 20.67 -33.78
C LEU B 227 -3.69 19.62 -32.95
N VAL B 228 -4.13 18.37 -33.06
CA VAL B 228 -3.42 17.27 -32.43
C VAL B 228 -2.79 16.43 -33.53
N LYS B 229 -1.50 16.63 -33.74
CA LYS B 229 -0.74 15.85 -34.68
C LYS B 229 -0.41 14.52 -34.04
N TYR B 230 -0.50 13.44 -34.80
CA TYR B 230 -0.23 12.14 -34.21
C TYR B 230 0.46 11.18 -35.17
N GLU B 231 1.05 10.14 -34.60
CA GLU B 231 1.59 8.99 -35.26
C GLU B 231 1.17 7.77 -34.49
N VAL B 232 0.88 6.69 -35.19
CA VAL B 232 0.54 5.42 -34.57
C VAL B 232 1.41 4.33 -35.14
N VAL B 233 1.95 3.49 -34.28
CA VAL B 233 2.69 2.31 -34.70
C VAL B 233 1.90 1.09 -34.26
N THR B 234 1.58 0.22 -35.21
CA THR B 234 0.90 -1.03 -34.87
C THR B 234 1.78 -2.21 -35.26
N THR B 235 1.35 -3.41 -34.90
CA THR B 235 2.11 -4.60 -35.25
C THR B 235 1.63 -5.25 -36.55
N GLY B 236 0.87 -4.51 -37.35
CA GLY B 236 0.34 -5.03 -38.60
C GLY B 236 0.11 -3.97 -39.65
N GLU B 237 -0.64 -4.33 -40.68
CA GLU B 237 -0.79 -3.49 -41.86
C GLU B 237 -2.20 -2.98 -42.06
N HIS B 238 -3.12 -3.36 -41.19
CA HIS B 238 -4.50 -2.93 -41.34
C HIS B 238 -4.66 -1.45 -41.03
N PRO B 239 -5.71 -0.83 -41.61
CA PRO B 239 -5.98 0.60 -41.48
C PRO B 239 -6.23 1.03 -40.04
N VAL B 240 -5.85 2.26 -39.74
CA VAL B 240 -6.05 2.83 -38.43
C VAL B 240 -7.01 4.01 -38.50
N ILE B 241 -7.90 4.09 -37.52
CA ILE B 241 -8.77 5.23 -37.35
C ILE B 241 -8.49 5.83 -35.99
N VAL B 242 -8.38 7.15 -35.94
CA VAL B 242 -8.12 7.84 -34.68
C VAL B 242 -9.25 8.82 -34.39
N ARG B 243 -9.79 8.72 -33.18
CA ARG B 243 -10.84 9.61 -32.74
C ARG B 243 -10.41 10.33 -31.48
N LEU B 244 -10.96 11.52 -31.27
CA LEU B 244 -10.74 12.25 -30.04
C LEU B 244 -12.08 12.55 -29.40
N LEU B 245 -12.21 12.15 -28.13
CA LEU B 245 -13.40 12.42 -27.34
C LEU B 245 -13.11 13.49 -26.30
N ASP B 246 -14.09 14.34 -26.01
CA ASP B 246 -13.92 15.30 -24.92
C ASP B 246 -14.12 14.63 -23.57
N ALA B 247 -14.07 15.40 -22.50
CA ALA B 247 -14.16 14.86 -21.14
C ALA B 247 -15.51 14.22 -20.86
N GLU B 248 -16.49 14.49 -21.71
CA GLU B 248 -17.83 13.94 -21.57
C GLU B 248 -18.04 12.73 -22.47
N GLY B 249 -17.00 12.37 -23.23
CA GLY B 249 -17.08 11.23 -24.14
C GLY B 249 -17.63 11.57 -25.51
N GLU B 250 -17.84 12.84 -25.79
CA GLU B 250 -18.38 13.28 -27.07
C GLU B 250 -17.27 13.37 -28.11
N LEU B 251 -17.56 12.91 -29.33
CA LEU B 251 -16.58 12.94 -30.40
C LEU B 251 -16.35 14.38 -30.86
N VAL B 252 -15.10 14.82 -30.83
CA VAL B 252 -14.78 16.17 -31.29
C VAL B 252 -13.91 16.18 -32.53
N ALA B 253 -13.29 15.04 -32.85
CA ALA B 253 -12.46 14.94 -34.05
C ALA B 253 -12.24 13.48 -34.44
N GLU B 254 -12.06 13.25 -35.73
CA GLU B 254 -11.85 11.91 -36.24
C GLU B 254 -11.09 11.99 -37.54
N THR B 255 -10.12 11.10 -37.70
CA THR B 255 -9.36 11.05 -38.93
C THR B 255 -8.88 9.61 -39.17
N GLU B 256 -8.28 9.39 -40.34
CA GLU B 256 -7.81 8.05 -40.70
C GLU B 256 -6.34 8.08 -41.04
N GLY B 257 -5.67 6.99 -40.74
CA GLY B 257 -4.26 6.87 -41.08
C GLY B 257 -3.39 6.77 -39.86
N LYS B 258 -2.22 6.13 -40.03
CA LYS B 258 -1.26 5.98 -38.96
C LYS B 258 -0.52 7.28 -38.66
N GLU B 259 -0.64 8.25 -39.55
CA GLU B 259 -0.15 9.59 -39.29
C GLU B 259 -1.24 10.55 -39.69
N GLY B 260 -1.49 11.57 -38.87
CA GLY B 260 -2.51 12.53 -39.21
C GLY B 260 -2.62 13.69 -38.26
N ILE B 261 -3.66 14.48 -38.45
CA ILE B 261 -3.93 15.62 -37.60
C ILE B 261 -5.41 15.63 -37.25
N LEU B 262 -5.68 15.80 -35.96
CA LEU B 262 -7.03 15.93 -35.47
C LEU B 262 -7.29 17.41 -35.25
N GLN B 263 -8.34 17.94 -35.86
CA GLN B 263 -8.68 19.35 -35.72
C GLN B 263 -9.75 19.54 -34.65
N VAL B 264 -9.40 20.31 -33.62
CA VAL B 264 -10.28 20.48 -32.47
C VAL B 264 -10.78 21.92 -32.39
N ALA B 265 -12.06 22.11 -32.65
CA ALA B 265 -12.66 23.43 -32.57
C ALA B 265 -12.88 23.82 -31.12
N ASN B 266 -12.59 25.08 -30.80
CA ASN B 266 -12.81 25.61 -29.46
C ASN B 266 -12.24 24.69 -28.39
N ALA B 267 -10.97 24.35 -28.57
CA ALA B 267 -10.32 23.37 -27.73
C ALA B 267 -10.26 23.84 -26.28
N ARG B 268 -10.50 22.92 -25.35
CA ARG B 268 -10.33 23.21 -23.93
C ARG B 268 -8.93 22.78 -23.54
N LEU B 269 -8.04 23.75 -23.39
CA LEU B 269 -6.64 23.45 -23.13
C LEU B 269 -6.42 22.92 -21.73
N TRP B 270 -5.42 22.04 -21.63
CA TRP B 270 -4.95 21.56 -20.35
C TRP B 270 -4.10 22.68 -19.76
N GLU B 271 -4.48 23.16 -18.58
CA GLU B 271 -3.81 24.32 -17.98
C GLU B 271 -3.19 23.94 -16.66
N VAL B 272 -2.17 24.70 -16.27
CA VAL B 272 -1.49 24.43 -14.99
C VAL B 272 -2.50 24.54 -13.85
N ARG B 273 -2.53 23.50 -13.02
N ARG B 273 -2.52 23.49 -13.03
CA ARG B 273 -3.46 23.38 -11.90
CA ARG B 273 -3.46 23.35 -11.92
C ARG B 273 -4.93 23.53 -12.33
C ARG B 273 -4.91 23.58 -12.34
N ASN B 274 -5.20 23.25 -13.59
CA ASN B 274 -6.54 23.39 -14.15
C ASN B 274 -6.62 22.49 -15.39
N ALA B 275 -6.54 21.19 -15.13
CA ALA B 275 -6.45 20.22 -16.21
C ALA B 275 -7.77 20.08 -16.95
N TYR B 276 -7.64 19.71 -18.22
CA TYR B 276 -8.76 19.19 -18.99
C TYR B 276 -8.19 18.07 -19.83
N LEU B 277 -8.84 16.90 -19.81
CA LEU B 277 -8.33 15.75 -20.53
C LEU B 277 -9.31 15.27 -21.59
N TYR B 278 -8.83 15.19 -22.83
CA TYR B 278 -9.55 14.49 -23.89
C TYR B 278 -9.16 13.02 -23.82
N GLN B 279 -9.90 12.19 -24.53
CA GLN B 279 -9.52 10.79 -24.67
C GLN B 279 -9.22 10.48 -26.13
N ILE B 280 -8.02 9.99 -26.41
CA ILE B 280 -7.71 9.55 -27.75
C ILE B 280 -8.11 8.10 -27.86
N VAL B 281 -8.69 7.74 -29.00
CA VAL B 281 -9.16 6.40 -29.28
C VAL B 281 -8.55 5.97 -30.61
N ILE B 282 -7.76 4.91 -30.57
CA ILE B 282 -7.04 4.44 -31.74
C ILE B 282 -7.58 3.07 -32.10
N LEU B 283 -8.12 2.94 -33.30
CA LEU B 283 -8.74 1.70 -33.73
C LEU B 283 -7.96 1.12 -34.90
N ILE B 284 -7.76 -0.20 -34.86
CA ILE B 284 -7.32 -0.92 -36.04
C ILE B 284 -8.53 -1.63 -36.62
N THR B 285 -8.74 -1.50 -37.92
CA THR B 285 -9.91 -2.10 -38.56
C THR B 285 -9.50 -2.94 -39.77
N ASP B 286 -10.36 -3.89 -40.14
CA ASP B 286 -10.17 -4.58 -41.41
C ASP B 286 -11.35 -4.36 -42.34
N GLY B 287 -12.13 -3.32 -42.06
CA GLY B 287 -13.32 -3.02 -42.84
C GLY B 287 -14.54 -3.73 -42.27
N ASN B 288 -14.43 -5.04 -42.11
CA ASN B 288 -15.51 -5.82 -41.52
C ASN B 288 -15.76 -5.41 -40.08
N GLY B 289 -14.67 -5.26 -39.32
CA GLY B 289 -14.79 -4.90 -37.91
C GLY B 289 -13.53 -4.29 -37.33
N VAL B 290 -13.47 -4.29 -36.00
CA VAL B 290 -12.36 -3.69 -35.29
C VAL B 290 -11.44 -4.79 -34.77
N LEU B 291 -10.14 -4.60 -34.92
CA LEU B 291 -9.15 -5.58 -34.48
C LEU B 291 -8.55 -5.25 -33.12
N ASP B 292 -8.45 -3.95 -32.83
CA ASP B 292 -7.89 -3.48 -31.58
C ASP B 292 -8.40 -2.08 -31.31
N GLU B 293 -8.45 -1.71 -30.04
CA GLU B 293 -8.79 -0.37 -29.64
C GLU B 293 -7.88 -0.01 -28.48
N TYR B 294 -7.17 1.11 -28.61
CA TYR B 294 -6.44 1.67 -27.50
C TYR B 294 -6.97 3.05 -27.16
N ARG B 295 -7.14 3.31 -25.88
CA ARG B 295 -7.65 4.60 -25.41
C ARG B 295 -6.77 5.11 -24.29
N GLU B 296 -6.56 6.41 -24.25
CA GLU B 296 -5.77 7.03 -23.20
C GLU B 296 -6.17 8.49 -23.09
N LYS B 297 -6.12 9.01 -21.86
CA LYS B 297 -6.41 10.43 -21.66
C LYS B 297 -5.18 11.26 -21.97
N ILE B 298 -5.38 12.35 -22.70
CA ILE B 298 -4.32 13.26 -23.07
C ILE B 298 -4.81 14.69 -22.87
N GLY B 299 -3.89 15.65 -22.82
CA GLY B 299 -4.29 17.03 -22.63
C GLY B 299 -3.63 17.92 -23.64
N ILE B 300 -4.43 18.78 -24.28
CA ILE B 300 -3.92 19.69 -25.29
C ILE B 300 -3.22 20.85 -24.63
N ARG B 301 -1.91 20.90 -24.81
CA ARG B 301 -1.09 21.96 -24.21
C ARG B 301 0.21 22.06 -24.97
N THR B 302 0.78 23.26 -25.02
CA THR B 302 2.09 23.42 -25.62
C THR B 302 3.10 23.89 -24.58
N VAL B 303 4.35 23.51 -24.78
CA VAL B 303 5.42 23.95 -23.92
C VAL B 303 6.56 24.38 -24.79
N ARG B 304 7.09 25.57 -24.54
CA ARG B 304 8.30 25.96 -25.24
C ARG B 304 9.07 26.98 -24.43
N ILE B 305 10.34 27.08 -24.73
CA ILE B 305 11.18 28.07 -24.09
C ILE B 305 11.32 29.23 -25.04
N GLU B 306 11.10 30.44 -24.53
CA GLU B 306 11.25 31.65 -25.33
C GLU B 306 12.08 32.62 -24.52
N GLY B 307 13.33 32.81 -24.93
CA GLY B 307 14.26 33.59 -24.13
C GLY B 307 14.34 32.99 -22.74
N THR B 308 14.19 33.83 -21.72
CA THR B 308 14.29 33.34 -20.36
C THR B 308 12.97 32.85 -19.81
N LYS B 309 11.96 32.71 -20.65
CA LYS B 309 10.63 32.30 -20.19
C LYS B 309 10.29 30.86 -20.56
N ILE B 310 9.61 30.19 -19.62
CA ILE B 310 9.01 28.89 -19.88
C ILE B 310 7.55 29.15 -20.20
N LEU B 311 7.17 28.85 -21.44
CA LEU B 311 5.81 29.15 -21.89
C LEU B 311 4.93 27.90 -21.91
N LEU B 312 3.85 27.95 -21.15
CA LEU B 312 2.82 26.92 -21.18
C LEU B 312 1.60 27.52 -21.87
N ASN B 313 1.21 26.94 -23.00
CA ASN B 313 0.12 27.50 -23.80
C ASN B 313 0.35 28.98 -24.09
N ASP B 314 1.60 29.30 -24.43
CA ASP B 314 2.00 30.64 -24.85
C ASP B 314 2.09 31.69 -23.72
N ARG B 315 1.89 31.27 -22.47
CA ARG B 315 2.00 32.18 -21.33
C ARG B 315 3.12 31.72 -20.41
N PRO B 316 3.92 32.66 -19.88
CA PRO B 316 4.98 32.24 -18.96
C PRO B 316 4.42 31.57 -17.72
N VAL B 317 5.13 30.57 -17.26
CA VAL B 317 4.82 29.94 -16.00
C VAL B 317 6.08 29.91 -15.15
N TYR B 318 5.94 30.18 -13.85
CA TYR B 318 7.05 30.10 -12.92
C TYR B 318 6.87 28.78 -12.17
N LEU B 319 7.87 27.92 -12.21
CA LEU B 319 7.74 26.60 -11.60
C LEU B 319 7.87 26.70 -10.09
N LYS B 320 6.97 26.06 -9.37
CA LYS B 320 6.96 26.08 -7.91
C LYS B 320 6.72 24.67 -7.43
N GLY B 321 7.66 24.10 -6.69
CA GLY B 321 7.39 22.76 -6.20
C GLY B 321 8.60 22.12 -5.59
N PHE B 322 8.80 20.84 -5.91
CA PHE B 322 9.76 20.03 -5.20
C PHE B 322 10.38 18.98 -6.08
N GLY B 323 11.59 18.55 -5.71
CA GLY B 323 11.99 17.20 -6.03
C GLY B 323 11.34 16.26 -5.04
N LYS B 324 10.94 15.09 -5.53
CA LYS B 324 10.34 14.07 -4.68
C LYS B 324 11.22 12.82 -4.65
N HIS B 325 10.66 11.73 -4.17
CA HIS B 325 11.24 10.39 -4.33
C HIS B 325 10.05 9.44 -4.36
N GLU B 326 10.26 8.20 -4.74
CA GLU B 326 9.28 7.17 -4.44
C GLU B 326 9.78 6.56 -3.15
N ASP B 327 9.18 6.98 -2.03
CA ASP B 327 9.73 6.65 -0.73
C ASP B 327 8.64 6.82 0.30
N PHE B 328 8.45 5.81 1.15
CA PHE B 328 7.40 5.83 2.16
C PHE B 328 7.73 4.76 3.18
N PRO B 329 7.32 4.95 4.44
CA PRO B 329 7.71 3.96 5.44
C PRO B 329 7.27 2.54 5.11
N ILE B 330 8.17 1.60 5.37
CA ILE B 330 8.01 0.16 5.16
C ILE B 330 7.94 -0.26 3.68
N LEU B 331 7.08 0.38 2.91
CA LEU B 331 6.96 0.02 1.48
C LEU B 331 8.21 0.36 0.69
N GLY B 332 9.01 1.30 1.18
CA GLY B 332 10.18 1.74 0.44
C GLY B 332 9.74 2.51 -0.78
N ARG B 333 10.10 2.01 -1.97
CA ARG B 333 9.66 2.66 -3.18
C ARG B 333 8.37 2.04 -3.69
N GLY B 334 7.81 1.10 -2.93
CA GLY B 334 6.60 0.41 -3.34
C GLY B 334 5.48 1.37 -3.70
N PHE B 335 4.88 1.15 -4.86
CA PHE B 335 3.81 2.04 -5.28
C PHE B 335 2.52 1.84 -4.49
N HIS B 336 1.86 2.92 -4.13
CA HIS B 336 0.51 2.87 -3.56
C HIS B 336 -0.21 4.15 -3.91
N TRP B 337 -1.43 4.04 -4.41
CA TRP B 337 -2.22 5.20 -4.74
C TRP B 337 -2.45 6.12 -3.54
N GLY B 338 -2.45 5.57 -2.33
CA GLY B 338 -2.61 6.38 -1.14
C GLY B 338 -1.48 7.40 -0.95
N ILE B 339 -0.26 7.01 -1.29
CA ILE B 339 0.87 7.92 -1.22
C ILE B 339 0.68 9.02 -2.26
N VAL B 340 0.28 8.65 -3.46
CA VAL B 340 -0.04 9.63 -4.49
C VAL B 340 -1.07 10.63 -3.98
N LYS B 341 -2.18 10.15 -3.43
CA LYS B 341 -3.26 11.03 -3.01
C LYS B 341 -2.79 11.97 -1.92
N ARG B 342 -2.14 11.45 -0.89
CA ARG B 342 -1.69 12.34 0.18
C ARG B 342 -0.68 13.36 -0.37
N ASP B 343 0.24 12.89 -1.19
CA ASP B 343 1.29 13.79 -1.67
C ASP B 343 0.70 14.91 -2.50
N PHE B 344 -0.27 14.59 -3.36
CA PHE B 344 -0.86 15.64 -4.15
C PHE B 344 -1.67 16.60 -3.29
N GLU B 345 -2.35 16.11 -2.26
CA GLU B 345 -3.06 17.02 -1.39
C GLU B 345 -2.08 17.99 -0.70
N CYS B 346 -0.94 17.46 -0.27
CA CYS B 346 0.10 18.30 0.33
C CYS B 346 0.66 19.30 -0.68
N LEU B 347 0.92 18.82 -1.90
CA LEU B 347 1.43 19.71 -2.93
C LEU B 347 0.45 20.86 -3.18
N LYS B 348 -0.83 20.53 -3.32
CA LYS B 348 -1.82 21.56 -3.58
C LYS B 348 -1.91 22.53 -2.42
N TRP B 349 -1.80 22.01 -1.19
CA TRP B 349 -1.85 22.86 -0.02
C TRP B 349 -0.70 23.87 -0.01
N THR B 350 0.46 23.50 -0.52
CA THR B 350 1.60 24.44 -0.62
C THR B 350 1.47 25.42 -1.78
N ASN B 351 0.47 25.23 -2.64
CA ASN B 351 0.31 26.04 -3.85
C ASN B 351 1.38 25.74 -4.91
N ALA B 352 1.94 24.54 -4.83
CA ALA B 352 2.90 24.09 -5.85
C ALA B 352 2.22 23.86 -7.19
N ASN B 353 3.01 23.89 -8.26
CA ASN B 353 2.51 23.50 -9.56
C ASN B 353 3.38 22.47 -10.28
N CYS B 354 4.45 21.99 -9.65
CA CYS B 354 5.44 21.22 -10.38
C CYS B 354 6.23 20.29 -9.47
N PHE B 355 6.59 19.13 -10.01
CA PHE B 355 7.64 18.35 -9.36
C PHE B 355 8.57 17.73 -10.39
N ARG B 356 9.77 17.42 -9.94
CA ARG B 356 10.75 16.68 -10.72
C ARG B 356 10.77 15.26 -10.21
N THR B 357 10.83 14.27 -11.11
CA THR B 357 10.91 12.87 -10.68
C THR B 357 12.36 12.51 -10.32
N SER B 358 12.89 13.24 -9.35
CA SER B 358 14.22 12.92 -8.84
C SER B 358 14.20 11.51 -8.23
N HIS B 359 15.15 10.63 -8.55
CA HIS B 359 16.14 10.74 -9.63
C HIS B 359 15.98 9.53 -10.55
N TYR B 360 14.75 9.30 -10.99
CA TYR B 360 14.40 8.12 -11.79
C TYR B 360 12.94 8.29 -12.19
N PRO B 361 12.54 7.70 -13.31
CA PRO B 361 11.12 7.78 -13.65
C PRO B 361 10.29 7.09 -12.57
N TYR B 362 9.16 7.69 -12.20
CA TYR B 362 8.31 7.12 -11.17
C TYR B 362 7.34 6.13 -11.78
N ALA B 363 6.55 5.46 -10.94
CA ALA B 363 5.47 4.64 -11.46
C ALA B 363 4.55 5.50 -12.32
N GLU B 364 4.01 4.89 -13.37
CA GLU B 364 3.21 5.58 -14.37
C GLU B 364 2.04 6.32 -13.73
N GLU B 365 1.50 5.73 -12.67
CA GLU B 365 0.34 6.28 -11.99
C GLU B 365 0.56 7.70 -11.48
N TRP B 366 1.80 8.03 -11.11
CA TRP B 366 2.12 9.39 -10.70
C TRP B 366 1.84 10.42 -11.78
N TYR B 367 2.14 10.05 -13.01
CA TYR B 367 1.97 10.93 -14.16
C TYR B 367 0.50 11.02 -14.55
N GLN B 368 -0.20 9.89 -14.48
CA GLN B 368 -1.64 9.87 -14.74
C GLN B 368 -2.32 10.84 -13.79
N PHE B 369 -1.89 10.83 -12.53
CA PHE B 369 -2.51 11.69 -11.55
C PHE B 369 -2.12 13.15 -11.74
N ALA B 370 -0.86 13.41 -12.05
CA ALA B 370 -0.45 14.77 -12.38
C ALA B 370 -1.26 15.35 -13.54
N ASP B 371 -1.58 14.50 -14.53
CA ASP B 371 -2.37 14.91 -15.67
C ASP B 371 -3.74 15.38 -15.20
N GLU B 372 -4.30 14.65 -14.24
CA GLU B 372 -5.64 14.96 -13.73
C GLU B 372 -5.63 16.22 -12.88
N GLU B 373 -4.53 16.44 -12.16
CA GLU B 373 -4.44 17.54 -11.20
C GLU B 373 -3.80 18.79 -11.78
N GLY B 374 -3.35 18.71 -13.03
CA GLY B 374 -2.72 19.85 -13.68
C GLY B 374 -1.34 20.19 -13.15
N PHE B 375 -0.61 19.18 -12.68
CA PHE B 375 0.77 19.42 -12.25
C PHE B 375 1.74 19.26 -13.39
N LEU B 376 2.79 20.06 -13.36
CA LEU B 376 3.87 20.01 -14.33
C LEU B 376 4.96 19.08 -13.83
N ILE B 377 5.48 18.22 -14.70
CA ILE B 377 6.52 17.28 -14.33
C ILE B 377 7.76 17.45 -15.16
N ILE B 378 8.89 17.51 -14.49
CA ILE B 378 10.18 17.35 -15.13
C ILE B 378 10.55 15.88 -14.93
N ASP B 379 10.57 15.11 -16.02
CA ASP B 379 10.72 13.67 -15.95
C ASP B 379 12.20 13.31 -16.09
N GLU B 380 12.74 12.67 -15.05
CA GLU B 380 14.18 12.46 -14.93
C GLU B 380 14.60 11.01 -15.06
N VAL B 381 15.53 10.77 -15.97
CA VAL B 381 16.14 9.45 -16.18
C VAL B 381 17.14 9.18 -15.03
N PRO B 382 17.44 7.91 -14.71
CA PRO B 382 18.24 7.70 -13.48
C PRO B 382 19.75 7.94 -13.61
N ALA B 383 20.14 8.94 -14.38
CA ALA B 383 21.56 9.27 -14.60
C ALA B 383 22.09 10.10 -13.44
N VAL B 384 22.19 9.43 -12.30
CA VAL B 384 22.65 10.03 -11.06
C VAL B 384 23.78 9.13 -10.56
N GLY B 385 24.76 9.75 -9.91
CA GLY B 385 25.93 9.03 -9.43
C GLY B 385 27.15 9.12 -10.33
N MET B 386 27.17 10.08 -11.23
CA MET B 386 28.25 10.18 -12.19
C MET B 386 29.26 11.28 -11.82
N MET B 387 29.36 11.62 -10.54
CA MET B 387 30.35 12.59 -10.10
C MET B 387 31.63 11.86 -9.69
N ARG B 388 32.77 12.27 -10.22
CA ARG B 388 34.03 11.59 -9.97
C ARG B 388 34.46 11.62 -8.51
N SER B 389 34.28 12.72 -7.86
CA SER B 389 34.72 12.84 -6.46
C SER B 389 33.99 11.83 -5.58
N THR B 390 32.71 11.61 -5.86
CA THR B 390 31.91 10.65 -5.10
C THR B 390 32.41 9.23 -5.38
N ARG B 391 32.61 8.92 -6.65
CA ARG B 391 33.17 7.63 -7.04
C ARG B 391 34.48 7.37 -6.31
N ASN B 392 35.39 8.34 -6.39
CA ASN B 392 36.70 8.20 -5.77
C ASN B 392 36.61 8.02 -4.26
N PHE B 393 35.66 8.73 -3.65
CA PHE B 393 35.45 8.66 -2.20
C PHE B 393 35.00 7.26 -1.81
N VAL B 394 34.01 6.74 -2.53
CA VAL B 394 33.47 5.42 -2.24
C VAL B 394 34.50 4.32 -2.53
N ALA B 395 35.52 4.65 -3.32
CA ALA B 395 36.61 3.71 -3.61
C ALA B 395 37.73 3.82 -2.57
N ALA B 396 37.90 5.01 -2.02
CA ALA B 396 38.97 5.27 -1.05
C ALA B 396 38.63 4.72 0.34
N GLY B 397 37.34 4.48 0.60
CA GLY B 397 36.87 4.03 1.89
C GLY B 397 37.69 2.91 2.51
N SER B 398 37.90 1.84 1.73
CA SER B 398 38.75 0.73 2.14
C SER B 398 38.75 -0.40 1.11
N GLY B 399 39.55 -0.24 0.05
CA GLY B 399 40.39 0.93 -0.13
C GLY B 399 40.99 0.96 -1.52
N ASN B 400 41.11 2.15 -2.10
CA ASN B 400 41.61 2.30 -3.47
C ASN B 400 41.77 3.77 -3.85
N TYR B 401 42.95 4.11 -4.38
CA TYR B 401 43.22 5.49 -4.76
C TYR B 401 43.87 5.60 -6.14
N THR B 402 44.16 4.45 -6.76
CA THR B 402 44.92 4.46 -8.00
C THR B 402 44.21 3.82 -9.20
N TYR B 403 43.36 2.82 -8.95
CA TYR B 403 42.79 2.06 -10.06
C TYR B 403 41.34 2.41 -10.40
N PHE B 404 41.17 3.07 -11.54
CA PHE B 404 39.86 3.38 -12.10
C PHE B 404 39.95 3.19 -13.61
N PHE B 405 38.85 2.80 -14.25
CA PHE B 405 38.88 2.40 -15.66
C PHE B 405 37.78 3.03 -16.50
N GLU B 406 37.64 4.34 -16.42
CA GLU B 406 36.59 5.08 -17.13
C GLU B 406 36.63 4.93 -18.64
N ALA B 407 37.81 4.85 -19.18
CA ALA B 407 37.92 4.74 -20.63
C ALA B 407 37.14 3.54 -21.15
N LEU B 408 37.03 2.51 -20.32
CA LEU B 408 36.38 1.28 -20.73
C LEU B 408 34.90 1.28 -20.40
N THR B 409 34.54 1.81 -19.24
CA THR B 409 33.16 1.69 -18.79
C THR B 409 32.24 2.75 -19.38
N VAL B 410 32.79 3.93 -19.69
CA VAL B 410 31.94 5.04 -20.11
C VAL B 410 31.13 4.77 -21.38
N PRO B 411 31.74 4.12 -22.38
CA PRO B 411 30.95 3.78 -23.57
C PRO B 411 29.77 2.84 -23.27
N GLU B 412 29.94 1.93 -22.33
CA GLU B 412 28.85 1.03 -21.96
C GLU B 412 27.79 1.77 -21.16
N LEU B 413 28.23 2.65 -20.26
CA LEU B 413 27.33 3.51 -19.50
C LEU B 413 26.48 4.36 -20.43
N LEU B 414 27.09 4.90 -21.48
CA LEU B 414 26.36 5.74 -22.41
C LEU B 414 25.23 4.95 -23.07
N LYS B 415 25.53 3.72 -23.49
CA LYS B 415 24.51 2.86 -24.08
C LYS B 415 23.35 2.64 -23.10
N SER B 416 23.66 2.37 -21.84
CA SER B 416 22.63 2.15 -20.86
C SER B 416 21.79 3.41 -20.66
N HIS B 417 22.46 4.55 -20.59
CA HIS B 417 21.82 5.84 -20.36
C HIS B 417 20.89 6.17 -21.52
N ILE B 418 21.35 5.94 -22.73
CA ILE B 418 20.50 6.18 -23.89
C ILE B 418 19.30 5.23 -23.92
N ALA B 419 19.52 3.97 -23.58
CA ALA B 419 18.42 3.02 -23.55
C ALA B 419 17.34 3.43 -22.55
N ASP B 420 17.77 3.83 -21.35
CA ASP B 420 16.83 4.27 -20.32
C ASP B 420 16.09 5.52 -20.77
N THR B 421 16.80 6.40 -21.46
CA THR B 421 16.19 7.62 -21.97
C THR B 421 15.11 7.29 -22.99
N GLU B 422 15.41 6.38 -23.90
CA GLU B 422 14.45 5.95 -24.91
C GLU B 422 13.21 5.35 -24.26
N GLU B 423 13.43 4.49 -23.26
CA GLU B 423 12.31 3.87 -22.57
C GLU B 423 11.45 4.89 -21.82
N MET B 424 12.10 5.81 -21.10
CA MET B 424 11.38 6.84 -20.37
C MET B 424 10.53 7.69 -21.30
N ILE B 425 11.13 8.18 -22.37
CA ILE B 425 10.42 9.08 -23.27
C ILE B 425 9.29 8.34 -24.00
N THR B 426 9.56 7.12 -24.44
CA THR B 426 8.51 6.35 -25.09
C THR B 426 7.36 6.08 -24.13
N ARG B 427 7.66 5.83 -22.86
CA ARG B 427 6.61 5.58 -21.89
C ARG B 427 5.80 6.84 -21.58
N ASP B 428 6.48 7.98 -21.46
CA ASP B 428 5.89 9.14 -20.80
C ASP B 428 5.49 10.31 -21.70
N LYS B 429 5.83 10.23 -22.97
CA LYS B 429 5.69 11.38 -23.86
C LYS B 429 4.27 11.92 -23.99
N ASN B 430 3.27 11.07 -23.81
CA ASN B 430 1.91 11.50 -24.10
C ASN B 430 1.17 12.05 -22.88
N HIS B 431 1.87 12.15 -21.76
CA HIS B 431 1.30 12.82 -20.59
C HIS B 431 1.39 14.32 -20.77
N PRO B 432 0.25 15.02 -20.68
CA PRO B 432 0.33 16.49 -20.76
C PRO B 432 1.17 17.06 -19.62
N SER B 433 1.19 16.39 -18.47
CA SER B 433 1.98 16.88 -17.36
C SER B 433 3.48 16.95 -17.64
N VAL B 434 3.99 16.07 -18.50
CA VAL B 434 5.43 16.02 -18.71
C VAL B 434 5.86 17.14 -19.64
N ILE B 435 6.51 18.14 -19.08
CA ILE B 435 6.89 19.33 -19.86
C ILE B 435 8.39 19.43 -20.17
N ALA B 436 9.18 18.54 -19.59
CA ALA B 436 10.62 18.58 -19.82
C ALA B 436 11.23 17.26 -19.43
N TRP B 437 12.34 16.92 -20.08
CA TRP B 437 13.14 15.76 -19.72
C TRP B 437 14.37 16.22 -18.99
N SER B 438 14.64 15.64 -17.83
CA SER B 438 15.92 15.84 -17.16
C SER B 438 16.79 14.63 -17.43
N LEU B 439 17.94 14.87 -18.05
CA LEU B 439 18.76 13.79 -18.57
C LEU B 439 19.94 13.43 -17.67
N PHE B 440 20.04 14.09 -16.52
CA PHE B 440 21.09 13.80 -15.56
C PHE B 440 20.86 14.55 -14.27
N ASN B 441 21.44 14.02 -13.19
CA ASN B 441 21.51 14.75 -11.93
C ASN B 441 22.93 14.71 -11.39
N GLU B 442 23.57 15.87 -11.39
CA GLU B 442 24.91 16.05 -10.83
C GLU B 442 25.99 15.14 -11.41
N PRO B 443 26.16 15.13 -12.74
CA PRO B 443 27.30 14.43 -13.33
C PRO B 443 28.50 15.37 -13.45
N GLU B 444 29.63 14.85 -13.87
CA GLU B 444 30.75 15.66 -14.35
C GLU B 444 30.38 16.33 -15.64
N THR B 445 30.62 17.61 -15.76
CA THR B 445 30.27 18.32 -16.98
C THR B 445 31.37 19.24 -17.48
N ILE B 446 32.53 19.22 -16.83
CA ILE B 446 33.54 20.24 -17.09
C ILE B 446 34.65 19.81 -18.06
N THR B 447 34.43 18.74 -18.81
CA THR B 447 35.38 18.34 -19.83
C THR B 447 34.69 18.22 -21.17
N ASP B 448 35.47 18.29 -22.23
CA ASP B 448 34.94 18.11 -23.57
C ASP B 448 34.37 16.70 -23.75
N TYR B 449 34.98 15.74 -23.05
CA TYR B 449 34.50 14.37 -23.05
C TYR B 449 33.06 14.27 -22.51
N ALA B 450 32.78 15.00 -21.44
CA ALA B 450 31.43 15.04 -20.88
C ALA B 450 30.46 15.66 -21.89
N TYR B 451 30.91 16.70 -22.58
CA TYR B 451 30.08 17.31 -23.62
C TYR B 451 29.73 16.28 -24.70
N GLU B 452 30.72 15.53 -25.15
CA GLU B 452 30.50 14.55 -26.22
C GLU B 452 29.55 13.45 -25.75
N TYR B 453 29.72 13.04 -24.50
CA TYR B 453 28.83 12.06 -23.89
C TYR B 453 27.39 12.58 -23.88
N PHE B 454 27.20 13.76 -23.32
CA PHE B 454 25.84 14.27 -23.19
C PHE B 454 25.21 14.69 -24.51
N LYS B 455 26.03 15.12 -25.46
CA LYS B 455 25.52 15.43 -26.79
C LYS B 455 24.77 14.21 -27.35
N GLU B 456 25.33 13.02 -27.13
CA GLU B 456 24.67 11.81 -27.64
C GLU B 456 23.35 11.54 -26.93
N VAL B 457 23.32 11.76 -25.62
CA VAL B 457 22.10 11.54 -24.85
C VAL B 457 21.02 12.53 -25.28
N PHE B 458 21.39 13.80 -25.41
CA PHE B 458 20.42 14.80 -25.83
C PHE B 458 19.91 14.54 -27.25
N ALA B 459 20.80 14.14 -28.14
CA ALA B 459 20.40 13.80 -29.50
C ALA B 459 19.40 12.66 -29.50
N ALA B 460 19.66 11.62 -28.69
CA ALA B 460 18.76 10.50 -28.61
C ALA B 460 17.39 10.94 -28.07
N ALA B 461 17.40 11.77 -27.03
CA ALA B 461 16.16 12.22 -26.43
C ALA B 461 15.31 12.96 -27.45
N GLU B 462 15.93 13.85 -28.21
CA GLU B 462 15.18 14.62 -29.19
C GLU B 462 14.59 13.71 -30.26
N THR B 463 15.36 12.69 -30.64
CA THR B 463 14.90 11.73 -31.64
C THR B 463 13.67 10.96 -31.13
N TYR B 464 13.65 10.62 -29.85
CA TYR B 464 12.57 9.81 -29.34
C TYR B 464 11.32 10.59 -28.95
N ASP B 465 11.48 11.88 -28.72
CA ASP B 465 10.35 12.70 -28.32
C ASP B 465 9.68 13.38 -29.52
N PHE B 466 8.51 12.86 -29.88
CA PHE B 466 7.70 13.40 -30.96
C PHE B 466 7.43 14.90 -30.79
N GLN B 467 7.37 15.36 -29.54
CA GLN B 467 7.11 16.77 -29.25
C GLN B 467 8.37 17.63 -29.20
N SER B 468 9.53 16.99 -29.15
CA SER B 468 10.80 17.71 -28.98
C SER B 468 10.71 18.78 -27.89
N ARG B 469 10.17 18.38 -26.74
CA ARG B 469 9.96 19.32 -25.65
C ARG B 469 11.28 19.65 -24.95
N PRO B 470 11.26 20.65 -24.04
CA PRO B 470 12.49 21.11 -23.41
C PRO B 470 13.30 20.00 -22.73
N MET B 471 14.61 20.07 -22.92
CA MET B 471 15.54 19.12 -22.32
C MET B 471 16.48 19.85 -21.38
N THR B 472 16.82 19.21 -20.28
CA THR B 472 17.66 19.83 -19.27
C THR B 472 18.36 18.73 -18.48
N GLY B 473 19.09 19.15 -17.46
CA GLY B 473 19.63 18.25 -16.45
C GLY B 473 19.95 19.11 -15.25
N ALA B 474 20.12 18.49 -14.08
CA ALA B 474 20.43 19.21 -12.85
C ALA B 474 21.93 19.21 -12.60
N PHE B 475 22.48 20.41 -12.43
CA PHE B 475 23.92 20.59 -12.27
C PHE B 475 24.31 20.82 -10.84
N GLU B 476 25.39 20.15 -10.44
CA GLU B 476 26.03 20.36 -9.14
C GLU B 476 26.95 21.59 -9.20
N LYS B 477 27.30 22.12 -8.03
CA LYS B 477 28.11 23.33 -7.96
C LYS B 477 29.47 23.19 -8.64
N ASN B 478 29.98 21.96 -8.75
CA ASN B 478 31.26 21.73 -9.42
C ASN B 478 31.23 22.17 -10.88
N SER B 479 30.04 22.19 -11.47
CA SER B 479 29.88 22.66 -12.83
C SER B 479 29.88 24.19 -12.85
N LYS B 480 31.05 24.78 -12.60
CA LYS B 480 31.15 26.23 -12.52
C LYS B 480 30.83 26.86 -13.86
N PRO B 481 30.27 28.08 -13.86
CA PRO B 481 29.94 28.73 -15.12
C PRO B 481 31.17 28.87 -16.01
N GLU B 482 32.35 29.00 -15.42
CA GLU B 482 33.57 29.15 -16.19
C GLU B 482 34.09 27.84 -16.75
N LEU B 483 33.60 26.71 -16.22
CA LEU B 483 34.16 25.41 -16.55
C LEU B 483 33.19 24.46 -17.26
N CYS B 484 31.90 24.60 -16.99
CA CYS B 484 30.92 23.64 -17.51
C CYS B 484 30.86 23.66 -19.03
N LYS B 485 30.93 22.49 -19.63
CA LYS B 485 30.87 22.36 -21.08
C LYS B 485 29.49 21.91 -21.55
N CYS B 486 28.60 21.61 -20.61
CA CYS B 486 27.34 20.96 -20.97
C CYS B 486 26.09 21.80 -20.93
N TYR B 487 26.09 22.94 -20.23
CA TYR B 487 24.86 23.73 -20.18
C TYR B 487 24.34 24.17 -21.56
N PRO B 488 25.23 24.38 -22.56
CA PRO B 488 24.66 24.80 -23.85
C PRO B 488 23.76 23.73 -24.51
N LEU B 489 23.85 22.48 -24.06
CA LEU B 489 22.96 21.44 -24.59
C LEU B 489 21.54 21.61 -24.10
N CYS B 490 21.38 22.33 -23.00
CA CYS B 490 20.09 22.45 -22.33
C CYS B 490 19.22 23.54 -22.91
N ASP B 491 17.90 23.35 -22.88
CA ASP B 491 16.97 24.40 -23.27
C ASP B 491 16.70 25.34 -22.10
N PHE B 492 16.80 24.82 -20.90
CA PHE B 492 16.85 25.64 -19.70
C PHE B 492 17.77 24.95 -18.74
N ILE B 493 18.30 25.72 -17.78
CA ILE B 493 19.35 25.21 -16.92
C ILE B 493 18.83 24.98 -15.52
N CYS B 494 19.03 23.77 -15.01
CA CYS B 494 18.60 23.46 -13.64
C CYS B 494 19.81 23.40 -12.73
N LEU B 495 19.77 24.17 -11.65
CA LEU B 495 20.86 24.21 -10.69
C LEU B 495 20.44 23.63 -9.35
N ASN B 496 21.31 22.77 -8.82
CA ASN B 496 21.20 22.30 -7.46
C ASN B 496 22.22 23.06 -6.63
N ARG B 497 21.77 23.82 -5.63
CA ARG B 497 22.72 24.60 -4.85
C ARG B 497 22.39 24.56 -3.38
N TYR B 498 23.44 24.57 -2.58
CA TYR B 498 23.36 24.44 -1.14
C TYR B 498 24.20 25.50 -0.42
N TYR B 499 24.14 26.71 -0.95
CA TYR B 499 24.70 27.86 -0.26
C TYR B 499 23.88 28.08 1.00
N GLY B 500 24.53 27.90 2.15
CA GLY B 500 23.84 27.97 3.42
C GLY B 500 23.62 26.61 4.05
N TRP B 501 24.02 25.54 3.36
CA TRP B 501 24.00 24.21 3.95
C TRP B 501 25.38 23.57 3.85
N TYR B 502 25.75 23.06 2.67
CA TYR B 502 27.08 22.48 2.49
C TYR B 502 28.17 23.53 2.36
N ILE B 503 27.78 24.71 1.93
CA ILE B 503 28.70 25.83 1.73
C ILE B 503 28.32 26.96 2.67
N SER B 504 29.20 27.29 3.61
CA SER B 504 29.02 28.43 4.50
C SER B 504 27.70 28.41 5.26
N GLY B 505 27.42 27.29 5.91
CA GLY B 505 26.19 27.15 6.66
C GLY B 505 26.24 27.86 8.00
N GLY B 506 25.05 28.06 8.58
CA GLY B 506 24.96 28.46 9.98
C GLY B 506 25.47 29.88 10.22
N PRO B 507 26.47 30.03 11.09
CA PRO B 507 27.01 31.35 11.37
C PRO B 507 27.59 32.03 10.14
N GLU B 508 27.86 31.26 9.09
CA GLU B 508 28.43 31.79 7.86
C GLU B 508 27.39 32.08 6.77
N ILE B 509 26.11 32.05 7.12
CA ILE B 509 25.06 32.18 6.11
C ILE B 509 25.11 33.50 5.33
N GLU B 510 25.60 34.57 5.95
CA GLU B 510 25.76 35.82 5.20
C GLU B 510 26.81 35.67 4.11
N GLU B 511 27.88 34.95 4.42
CA GLU B 511 28.90 34.62 3.42
C GLU B 511 28.29 33.72 2.34
N ALA B 512 27.45 32.77 2.73
CA ALA B 512 26.79 31.91 1.77
C ALA B 512 26.01 32.72 0.75
N GLU B 513 25.27 33.71 1.23
CA GLU B 513 24.48 34.53 0.33
C GLU B 513 25.38 35.31 -0.63
N GLU B 514 26.49 35.84 -0.12
CA GLU B 514 27.46 36.54 -0.96
C GLU B 514 28.01 35.60 -2.02
N LEU B 515 28.37 34.38 -1.64
CA LEU B 515 28.91 33.42 -2.61
C LEU B 515 27.86 33.05 -3.65
N PHE B 516 26.61 32.94 -3.23
CA PHE B 516 25.53 32.56 -4.11
C PHE B 516 25.33 33.68 -5.14
N ARG B 517 25.27 34.92 -4.66
CA ARG B 517 25.10 36.07 -5.56
C ARG B 517 26.28 36.22 -6.49
N ASP B 518 27.48 35.91 -6.01
CA ASP B 518 28.65 35.98 -6.86
C ASP B 518 28.49 34.98 -8.00
N GLU B 519 28.04 33.76 -7.69
CA GLU B 519 27.88 32.78 -8.76
C GLU B 519 26.80 33.19 -9.74
N MET B 520 25.69 33.68 -9.21
CA MET B 520 24.58 34.04 -10.08
C MET B 520 24.92 35.27 -10.90
N ASP B 521 25.74 36.17 -10.36
CA ASP B 521 26.24 37.32 -11.14
C ASP B 521 27.08 36.83 -12.31
N ARG B 522 27.85 35.78 -12.10
CA ARG B 522 28.64 35.20 -13.17
C ARG B 522 27.74 34.58 -14.24
N TRP B 523 26.69 33.88 -13.82
CA TRP B 523 25.75 33.35 -14.80
C TRP B 523 25.06 34.51 -15.54
N LYS B 524 24.65 35.53 -14.81
CA LYS B 524 24.00 36.69 -15.39
C LYS B 524 24.87 37.32 -16.47
N ALA B 525 26.16 37.49 -16.19
CA ALA B 525 27.07 38.16 -17.09
C ALA B 525 27.29 37.38 -18.37
N LYS B 526 27.03 36.10 -18.34
CA LYS B 526 27.08 35.29 -19.54
C LYS B 526 25.95 35.57 -20.52
N GLU B 527 24.87 36.15 -20.04
CA GLU B 527 23.75 36.58 -20.90
C GLU B 527 23.30 35.46 -21.81
N LEU B 528 23.05 34.29 -21.22
CA LEU B 528 22.72 33.11 -22.00
C LEU B 528 21.33 33.20 -22.62
N ASN B 529 20.48 34.03 -22.03
CA ASN B 529 19.09 34.17 -22.46
C ASN B 529 18.32 32.86 -22.40
N VAL B 530 18.57 32.06 -21.36
CA VAL B 530 17.79 30.87 -21.11
C VAL B 530 17.22 30.94 -19.70
N PRO B 531 16.10 30.25 -19.44
CA PRO B 531 15.59 30.20 -18.07
C PRO B 531 16.50 29.35 -17.21
N PHE B 532 16.60 29.74 -15.95
CA PHE B 532 17.24 28.94 -14.90
C PHE B 532 16.16 28.51 -13.92
N VAL B 533 16.22 27.25 -13.51
CA VAL B 533 15.35 26.72 -12.48
C VAL B 533 16.23 26.14 -11.39
N PHE B 534 15.98 26.49 -10.13
CA PHE B 534 16.66 25.81 -9.04
C PHE B 534 15.93 24.53 -8.76
N THR B 535 16.58 23.40 -9.05
CA THR B 535 15.96 22.09 -8.85
C THR B 535 16.28 21.51 -7.48
N GLU B 536 17.23 22.09 -6.76
CA GLU B 536 17.47 21.69 -5.38
C GLU B 536 18.03 22.84 -4.59
N PHE B 537 17.57 22.92 -3.34
CA PHE B 537 18.09 23.78 -2.30
C PHE B 537 17.34 23.32 -1.06
N GLY B 538 18.03 23.25 0.07
CA GLY B 538 17.39 22.77 1.29
C GLY B 538 18.39 22.57 2.40
N THR B 539 17.88 22.21 3.58
CA THR B 539 18.71 21.99 4.75
C THR B 539 18.16 20.78 5.49
N ASP B 540 19.04 19.92 6.00
CA ASP B 540 18.53 18.85 6.85
C ASP B 540 17.89 19.51 8.06
N THR B 541 16.71 19.01 8.39
CA THR B 541 15.89 19.63 9.42
C THR B 541 15.20 18.54 10.23
N MET B 542 15.52 18.44 11.52
CA MET B 542 14.92 17.40 12.35
C MET B 542 13.63 17.89 12.99
N ALA B 543 12.49 17.35 12.55
CA ALA B 543 11.22 17.79 13.13
C ALA B 543 11.35 17.86 14.65
N GLY B 544 10.91 18.98 15.21
CA GLY B 544 10.97 19.18 16.64
C GLY B 544 12.22 19.81 17.18
N LEU B 545 13.26 19.95 16.35
CA LEU B 545 14.46 20.65 16.78
C LEU B 545 14.25 22.14 16.61
N HIS B 546 14.09 22.81 17.74
CA HIS B 546 13.85 24.24 17.77
C HIS B 546 14.99 24.94 18.46
N LYS B 547 15.41 26.08 17.93
CA LYS B 547 16.44 26.85 18.59
C LYS B 547 16.34 28.31 18.26
N LEU B 548 16.58 29.14 19.27
CA LEU B 548 16.57 30.57 19.13
C LEU B 548 17.83 31.12 19.79
N PRO B 549 18.77 31.66 18.99
CA PRO B 549 18.74 31.75 17.53
C PRO B 549 18.91 30.37 16.91
N SER B 550 18.53 30.28 15.65
CA SER B 550 18.53 29.01 14.95
C SER B 550 19.92 28.41 14.81
N ILE B 551 19.92 27.09 14.65
CA ILE B 551 21.12 26.34 14.29
C ILE B 551 20.84 25.48 13.09
N MET B 552 21.88 25.15 12.33
CA MET B 552 21.72 24.13 11.32
C MET B 552 21.09 22.90 11.94
N TRP B 553 20.13 22.32 11.22
CA TRP B 553 19.30 21.17 11.61
C TRP B 553 17.99 21.55 12.28
N SER B 554 17.85 22.80 12.73
CA SER B 554 16.60 23.22 13.37
C SER B 554 15.56 23.65 12.34
N GLU B 555 14.31 23.61 12.77
CA GLU B 555 13.19 24.05 11.93
C GLU B 555 13.32 25.52 11.59
N GLU B 556 13.84 26.32 12.51
CA GLU B 556 13.96 27.75 12.28
C GLU B 556 15.03 28.06 11.23
N TYR B 557 16.11 27.30 11.27
CA TYR B 557 17.16 27.48 10.28
C TYR B 557 16.66 27.12 8.88
N GLN B 558 15.85 26.07 8.76
CA GLN B 558 15.27 25.74 7.47
C GLN B 558 14.53 26.95 6.91
N LYS B 559 13.72 27.60 7.74
CA LYS B 559 12.98 28.79 7.31
C LYS B 559 13.92 29.91 6.88
N GLU B 560 14.93 30.21 7.69
CA GLU B 560 15.84 31.31 7.39
C GLU B 560 16.65 31.05 6.12
N TYR B 561 17.09 29.81 5.95
CA TYR B 561 17.81 29.40 4.76
C TYR B 561 16.94 29.62 3.53
N LEU B 562 15.69 29.19 3.61
CA LEU B 562 14.80 29.35 2.47
C LEU B 562 14.58 30.83 2.16
N GLU B 563 14.35 31.64 3.18
CA GLU B 563 14.15 33.08 2.95
C GLU B 563 15.37 33.69 2.26
N MET B 564 16.57 33.29 2.67
CA MET B 564 17.78 33.79 2.04
C MET B 564 17.84 33.38 0.57
N ASN B 565 17.54 32.11 0.31
CA ASN B 565 17.52 31.63 -1.07
C ASN B 565 16.53 32.39 -1.93
N PHE B 566 15.35 32.66 -1.39
CA PHE B 566 14.32 33.37 -2.15
C PHE B 566 14.84 34.76 -2.51
N ARG B 567 15.52 35.42 -1.57
CA ARG B 567 16.04 36.76 -1.87
C ARG B 567 16.99 36.70 -3.05
N VAL B 568 17.83 35.66 -3.09
CA VAL B 568 18.73 35.49 -4.21
C VAL B 568 17.98 35.19 -5.52
N PHE B 569 17.07 34.22 -5.49
CA PHE B 569 16.31 33.86 -6.68
C PHE B 569 15.67 35.10 -7.29
N ASP B 570 15.05 35.90 -6.42
CA ASP B 570 14.23 37.03 -6.86
C ASP B 570 15.08 38.19 -7.37
N SER B 571 16.40 38.06 -7.25
CA SER B 571 17.30 39.10 -7.73
C SER B 571 17.67 38.92 -9.19
N TYR B 572 17.26 37.82 -9.79
CA TYR B 572 17.64 37.50 -11.18
C TYR B 572 16.42 37.23 -12.05
N GLU B 573 16.29 38.01 -13.11
CA GLU B 573 15.14 37.93 -14.00
C GLU B 573 15.01 36.54 -14.61
N PHE B 574 16.15 35.92 -14.90
CA PHE B 574 16.14 34.68 -15.67
C PHE B 574 15.81 33.46 -14.83
N VAL B 575 15.73 33.63 -13.52
CA VAL B 575 15.28 32.54 -12.67
C VAL B 575 13.78 32.41 -12.79
N GLN B 576 13.33 31.24 -13.24
CA GLN B 576 11.92 31.03 -13.57
C GLN B 576 11.35 29.80 -12.90
N GLY B 577 12.03 29.28 -11.89
CA GLY B 577 11.43 28.20 -11.15
C GLY B 577 12.24 27.84 -9.95
N GLU B 578 11.57 27.22 -8.99
CA GLU B 578 12.19 26.81 -7.74
C GLU B 578 11.52 25.52 -7.28
N LEU B 579 12.30 24.45 -7.27
CA LEU B 579 11.84 23.17 -6.78
C LEU B 579 12.73 22.83 -5.59
N ALA B 580 12.13 22.82 -4.41
CA ALA B 580 12.88 22.60 -3.20
C ALA B 580 13.30 21.13 -3.05
N TRP B 581 14.45 20.92 -2.44
CA TRP B 581 14.87 19.57 -2.05
C TRP B 581 14.64 19.42 -0.57
N ASN B 582 13.79 18.50 -0.11
CA ASN B 582 12.96 17.59 -0.90
C ASN B 582 11.53 17.81 -0.41
N PHE B 583 10.55 17.33 -1.16
CA PHE B 583 9.19 17.28 -0.66
C PHE B 583 9.11 16.64 0.74
N ALA B 584 9.78 15.50 0.94
CA ALA B 584 9.65 14.79 2.21
C ALA B 584 10.95 14.10 2.56
N ASP B 585 11.18 13.95 3.86
CA ASP B 585 12.32 13.17 4.36
C ASP B 585 12.27 11.80 3.74
N PHE B 586 13.44 11.24 3.42
CA PHE B 586 13.47 9.98 2.68
C PHE B 586 14.67 9.13 3.05
N GLN B 587 14.63 7.84 2.72
CA GLN B 587 15.67 6.93 3.15
C GLN B 587 16.96 7.04 2.33
N THR B 588 18.08 6.98 3.03
CA THR B 588 19.39 6.94 2.41
C THR B 588 20.17 5.79 3.03
N THR B 589 21.31 5.49 2.44
CA THR B 589 22.31 4.66 3.09
C THR B 589 22.61 5.29 4.46
N GLU B 590 22.80 4.46 5.48
CA GLU B 590 23.12 5.03 6.78
C GLU B 590 24.57 5.52 6.76
N GLY B 591 24.86 6.49 7.62
CA GLY B 591 26.21 6.98 7.73
C GLY B 591 26.27 8.17 8.66
N ILE B 592 27.46 8.72 8.80
CA ILE B 592 27.66 9.79 9.78
C ILE B 592 27.02 11.11 9.33
N MET B 593 26.59 11.19 8.09
CA MET B 593 25.96 12.42 7.64
C MET B 593 24.45 12.32 7.46
N ARG B 594 23.88 11.17 7.78
CA ARG B 594 22.47 10.93 7.52
C ARG B 594 21.80 10.34 8.75
N VAL B 595 20.93 11.12 9.36
CA VAL B 595 20.32 10.76 10.63
C VAL B 595 18.95 10.14 10.33
N ASP B 596 18.93 8.83 10.12
CA ASP B 596 17.78 8.14 9.58
C ASP B 596 17.34 8.79 8.28
N GLY B 597 18.18 8.63 7.28
CA GLY B 597 17.91 9.16 5.97
C GLY B 597 18.20 10.64 5.85
N ASN B 598 17.64 11.20 4.79
CA ASN B 598 17.82 12.59 4.42
C ASN B 598 16.68 13.37 5.03
N HIS B 599 16.99 14.40 5.81
CA HIS B 599 15.99 15.20 6.49
C HIS B 599 15.80 16.58 5.88
N LYS B 600 16.13 16.71 4.59
CA LYS B 600 15.83 17.96 3.90
C LYS B 600 14.38 18.10 3.49
N GLY B 601 13.53 17.14 3.86
CA GLY B 601 12.12 17.28 3.60
C GLY B 601 11.51 18.55 4.15
N VAL B 602 10.60 19.11 3.40
CA VAL B 602 9.71 20.15 3.88
C VAL B 602 8.59 19.51 4.70
N PHE B 603 8.23 18.29 4.31
CA PHE B 603 7.35 17.40 5.08
C PHE B 603 8.17 16.27 5.68
N THR B 604 7.67 15.69 6.76
CA THR B 604 8.24 14.48 7.31
C THR B 604 7.96 13.29 6.38
N ARG B 605 8.56 12.16 6.68
CA ARG B 605 8.39 11.00 5.82
C ARG B 605 6.94 10.52 5.82
N ASP B 606 6.24 10.72 6.93
CA ASP B 606 4.81 10.39 6.95
C ASP B 606 3.93 11.57 6.52
N ARG B 607 4.54 12.54 5.83
CA ARG B 607 3.83 13.56 5.08
C ARG B 607 3.14 14.61 5.95
N GLN B 608 3.85 15.10 6.96
CA GLN B 608 3.33 16.17 7.82
C GLN B 608 4.29 17.36 7.77
N PRO B 609 3.76 18.59 7.84
CA PRO B 609 4.60 19.74 7.52
C PRO B 609 5.51 20.19 8.64
N LYS B 610 6.78 20.45 8.33
CA LYS B 610 7.63 21.19 9.25
C LYS B 610 7.28 22.67 9.13
N ALA B 611 7.90 23.51 9.95
CA ALA B 611 7.57 24.93 9.94
C ALA B 611 7.77 25.54 8.54
N ALA B 612 8.75 25.04 7.81
CA ALA B 612 9.08 25.63 6.52
C ALA B 612 7.99 25.43 5.47
N ALA B 613 7.10 24.46 5.67
CA ALA B 613 6.08 24.20 4.67
C ALA B 613 5.18 25.40 4.47
N VAL B 614 4.87 26.11 5.55
CA VAL B 614 4.01 27.29 5.45
C VAL B 614 4.74 28.44 4.75
N VAL B 615 6.06 28.48 4.87
CA VAL B 615 6.85 29.49 4.17
C VAL B 615 6.64 29.34 2.66
N PHE B 616 6.72 28.11 2.18
CA PHE B 616 6.42 27.85 0.78
C PHE B 616 4.98 28.16 0.43
N LYS B 617 4.04 27.70 1.27
CA LYS B 617 2.62 27.93 1.00
C LYS B 617 2.34 29.42 0.79
N ASP B 618 2.87 30.25 1.69
CA ASP B 618 2.60 31.68 1.64
C ASP B 618 3.27 32.33 0.43
N ARG B 619 4.49 31.92 0.12
CA ARG B 619 5.20 32.50 -1.01
C ARG B 619 4.56 32.13 -2.35
N TRP B 620 4.18 30.86 -2.46
CA TRP B 620 3.65 30.34 -3.72
C TRP B 620 2.19 30.68 -3.96
N GLU B 621 1.50 31.16 -2.93
CA GLU B 621 0.11 31.58 -3.09
C GLU B 621 -0.03 32.70 -4.13
C2 SJ5 C . -9.71 -0.83 25.21
C3 SJ5 C . -8.74 -0.36 24.14
O3 SJ5 C . -9.45 -0.20 22.91
N SJ5 C . -9.06 -0.89 26.50
C7 SJ5 C . -8.34 0.29 26.95
C5 SJ5 C . -7.36 0.74 25.88
C6 SJ5 C . -6.66 1.97 26.33
O62 SJ5 C . -5.42 2.16 25.92
C4 SJ5 C . -8.11 0.97 24.57
O4 SJ5 C . -7.22 1.42 23.56
O61 SJ5 C . -7.20 2.76 27.09
C1 MRD D . -27.05 4.46 5.79
C2 MRD D . -26.54 3.52 4.72
O2 MRD D . -25.53 2.71 5.25
CM MRD D . -25.91 4.34 3.61
C3 MRD D . -27.60 2.60 4.15
C4 MRD D . -28.26 1.70 5.18
O4 MRD D . -27.50 0.53 5.33
C5 MRD D . -29.66 1.29 4.74
C2 SJ5 E . 21.44 15.30 -4.89
C3 SJ5 E . 20.37 14.70 -3.98
O3 SJ5 E . 20.10 13.38 -4.42
N SJ5 E . 21.82 16.63 -4.42
C7 SJ5 E . 22.20 16.75 -3.01
C5 SJ5 E . 21.12 16.15 -2.14
C6 SJ5 E . 21.51 16.22 -0.70
O62 SJ5 E . 22.79 16.14 -0.40
C4 SJ5 E . 20.85 14.70 -2.55
O4 SJ5 E . 19.85 14.10 -1.71
O61 SJ5 E . 20.64 16.35 0.16
C1 MRD F . 29.91 9.76 -17.55
C2 MRD F . 30.41 11.18 -17.52
O2 MRD F . 31.29 11.39 -16.45
CM MRD F . 29.22 12.10 -17.35
C3 MRD F . 31.10 11.50 -18.83
C4 MRD F . 32.60 11.32 -18.82
O4 MRD F . 33.15 12.24 -17.91
C5 MRD F . 33.21 11.59 -20.19
C1 MPD G . 22.04 -8.84 -15.93
C2 MPD G . 20.79 -9.62 -16.29
O2 MPD G . 19.77 -8.72 -16.61
CM MPD G . 21.10 -10.47 -17.51
C3 MPD G . 20.33 -10.57 -15.19
C4 MPD G . 20.41 -10.04 -13.77
O4 MPD G . 19.55 -10.84 -12.98
C5 MPD G . 21.78 -10.19 -13.14
C1 MRD H . 32.98 8.52 -15.16
C2 MRD H . 32.29 9.22 -14.00
O2 MRD H . 31.14 9.88 -14.45
CM MRD H . 33.23 10.28 -13.47
C3 MRD H . 31.94 8.27 -12.87
C4 MRD H . 31.10 7.05 -13.23
O4 MRD H . 31.95 6.11 -13.86
C5 MRD H . 29.93 7.32 -14.15
C1 MPD I . 28.46 9.15 0.10
C2 MPD I . 27.01 8.97 -0.27
O2 MPD I . 26.62 7.71 0.24
CM MPD I . 26.89 8.94 -1.76
C3 MPD I . 26.06 10.02 0.27
C4 MPD I . 26.53 11.30 0.94
O4 MPD I . 26.30 12.41 0.13
C5 MPD I . 25.70 11.65 2.15
#